data_4X00
#
_entry.id   4X00
#
_cell.length_a   65.720
_cell.length_b   80.370
_cell.length_c   99.400
_cell.angle_alpha   90.000
_cell.angle_beta   93.070
_cell.angle_gamma   90.000
#
_symmetry.space_group_name_H-M   'P 1 21 1'
#
loop_
_entity.id
_entity.type
_entity.pdbx_description
1 polymer 'Putative hydrolase'
2 non-polymer 1,2-ETHANEDIOL
3 non-polymer GLYCEROL
4 non-polymer 'FLUORIDE ION'
5 water water
#
_entity_poly.entity_id   1
_entity_poly.type   'polypeptide(L)'
_entity_poly.pdbx_seq_one_letter_code
;MAHHHHHHAAARDYTVTAPDGVVLAVQEAGDPEGSPIIFIHGLLGSRLNWSKQLQDPRLQHYRLITYDLRGHGLSGKPAE
ASSYTDGRRWADDLAAIIESTHARKPVLVGWSLGGAVISNYLAAYGDKGIAGAVYVDGVIELKPDQIVAHPEVYRDMIAS
DLQTHLDGERAFLRLCFHRQPDATTFSLLLANAALASWDMQRAVRSMTVEAAKGLSKAEVPLLLLYGAQDALVKAKPSIA
RAKSLNPRIRSELYADSGHAPFLEEPERFNRDLSDFVRMALSR
;
_entity_poly.pdbx_strand_id   A,B,C,D
#
# COMPACT_ATOMS: atom_id res chain seq x y z
N ALA A 11 -31.12 14.76 -6.87
CA ALA A 11 -29.79 14.78 -6.26
C ALA A 11 -28.88 15.79 -6.98
N ARG A 12 -27.96 16.39 -6.22
CA ARG A 12 -27.07 17.41 -6.76
C ARG A 12 -25.61 17.06 -6.50
N ASP A 13 -24.75 17.49 -7.43
CA ASP A 13 -23.30 17.35 -7.35
C ASP A 13 -22.67 18.72 -7.39
N TYR A 14 -21.69 18.98 -6.54
CA TYR A 14 -20.93 20.23 -6.65
C TYR A 14 -19.60 20.10 -5.92
N THR A 15 -18.86 21.18 -5.80
CA THR A 15 -17.57 21.09 -5.17
C THR A 15 -17.44 22.17 -4.11
N VAL A 16 -16.52 21.94 -3.17
CA VAL A 16 -16.20 22.88 -2.10
C VAL A 16 -14.67 22.96 -1.97
N THR A 17 -14.12 24.17 -2.01
CA THR A 17 -12.69 24.31 -1.81
C THR A 17 -12.32 24.39 -0.33
N ALA A 18 -11.41 23.53 0.11
CA ALA A 18 -10.93 23.56 1.50
C ALA A 18 -9.89 24.66 1.72
N PRO A 19 -9.57 24.97 2.98
CA PRO A 19 -8.66 26.12 3.19
C PRO A 19 -7.23 25.94 2.64
N ASP A 20 -6.80 24.71 2.40
CA ASP A 20 -5.48 24.49 1.82
C ASP A 20 -5.55 24.34 0.31
N GLY A 21 -6.73 24.60 -0.26
CA GLY A 21 -6.89 24.62 -1.71
C GLY A 21 -7.38 23.30 -2.30
N VAL A 22 -7.49 22.24 -1.50
CA VAL A 22 -7.96 20.95 -1.99
C VAL A 22 -9.45 21.06 -2.31
N VAL A 23 -9.86 20.58 -3.47
CA VAL A 23 -11.26 20.65 -3.89
C VAL A 23 -11.99 19.34 -3.53
N LEU A 24 -13.07 19.46 -2.78
CA LEU A 24 -13.84 18.31 -2.33
C LEU A 24 -15.05 18.13 -3.19
N ALA A 25 -15.30 16.89 -3.58
CA ALA A 25 -16.50 16.51 -4.33
C ALA A 25 -17.64 16.27 -3.35
N VAL A 26 -18.71 17.04 -3.46
CA VAL A 26 -19.83 17.03 -2.54
C VAL A 26 -21.12 16.66 -3.26
N GLN A 27 -21.98 15.93 -2.58
CA GLN A 27 -23.29 15.55 -3.12
C GLN A 27 -24.41 15.84 -2.13
N GLU A 28 -25.61 16.06 -2.65
CA GLU A 28 -26.76 16.23 -1.78
C GLU A 28 -27.96 15.48 -2.28
N ALA A 29 -28.76 15.03 -1.32
CA ALA A 29 -30.02 14.36 -1.64
C ALA A 29 -31.00 14.76 -0.57
N GLY A 30 -32.21 14.22 -0.63
CA GLY A 30 -33.22 14.57 0.35
C GLY A 30 -33.78 15.96 0.12
N ASP A 31 -34.24 16.57 1.20
CA ASP A 31 -34.89 17.87 1.13
C ASP A 31 -33.88 18.98 1.41
N PRO A 32 -33.66 19.91 0.46
CA PRO A 32 -32.67 20.97 0.67
C PRO A 32 -33.00 21.87 1.86
N GLU A 33 -34.26 21.91 2.29
CA GLU A 33 -34.65 22.74 3.45
C GLU A 33 -34.80 21.91 4.72
N GLY A 34 -34.56 20.61 4.63
CA GLY A 34 -34.67 19.75 5.81
C GLY A 34 -33.50 19.85 6.75
N SER A 35 -33.64 19.25 7.92
CA SER A 35 -32.55 19.21 8.89
C SER A 35 -31.35 18.50 8.26
N PRO A 36 -30.15 19.11 8.29
CA PRO A 36 -29.02 18.47 7.59
C PRO A 36 -28.34 17.35 8.36
N ILE A 37 -27.90 16.36 7.59
CA ILE A 37 -27.05 15.29 8.08
C ILE A 37 -25.86 15.21 7.12
N ILE A 38 -24.65 15.30 7.65
CA ILE A 38 -23.44 15.18 6.85
C ILE A 38 -22.76 13.85 7.14
N PHE A 39 -22.64 13.03 6.08
CA PHE A 39 -22.05 11.70 6.16
C PHE A 39 -20.58 11.76 5.76
N ILE A 40 -19.73 11.14 6.57
CA ILE A 40 -18.27 11.17 6.40
C ILE A 40 -17.79 9.75 6.32
N HIS A 41 -17.32 9.32 5.15
CA HIS A 41 -16.96 7.92 4.97
C HIS A 41 -15.58 7.60 5.58
N GLY A 42 -15.16 6.34 5.42
CA GLY A 42 -13.93 5.85 6.01
C GLY A 42 -12.87 5.52 4.98
N LEU A 43 -11.81 4.90 5.46
CA LEU A 43 -10.63 4.67 4.63
C LEU A 43 -10.98 3.79 3.42
N LEU A 44 -10.54 4.24 2.24
CA LEU A 44 -10.78 3.57 0.94
C LEU A 44 -12.24 3.63 0.50
N GLY A 45 -13.04 4.44 1.18
CA GLY A 45 -14.44 4.63 0.78
C GLY A 45 -14.65 5.80 -0.16
N SER A 46 -15.92 6.18 -0.33
CA SER A 46 -16.30 7.43 -0.98
C SER A 46 -17.77 7.66 -0.64
N ARG A 47 -18.39 8.67 -1.24
CA ARG A 47 -19.82 8.88 -1.02
C ARG A 47 -20.64 7.65 -1.34
N LEU A 48 -20.13 6.74 -2.19
CA LEU A 48 -20.90 5.54 -2.55
C LEU A 48 -21.20 4.65 -1.38
N ASN A 49 -20.42 4.74 -0.30
CA ASN A 49 -20.72 3.91 0.87
C ASN A 49 -22.09 4.15 1.45
N TRP A 50 -22.65 5.35 1.23
CA TRP A 50 -23.87 5.76 1.92
C TRP A 50 -25.15 5.56 1.11
N SER A 51 -25.07 4.76 0.04
CA SER A 51 -26.21 4.60 -0.86
CA SER A 51 -26.22 4.62 -0.85
C SER A 51 -27.50 4.12 -0.17
N LYS A 52 -27.38 3.22 0.82
CA LYS A 52 -28.60 2.70 1.44
CA LYS A 52 -28.58 2.68 1.45
C LYS A 52 -29.24 3.69 2.38
N GLN A 53 -28.49 4.71 2.78
CA GLN A 53 -29.07 5.83 3.55
C GLN A 53 -29.72 6.82 2.57
N LEU A 54 -28.99 7.20 1.52
CA LEU A 54 -29.53 8.20 0.59
C LEU A 54 -30.76 7.73 -0.17
N GLN A 55 -30.88 6.43 -0.38
CA GLN A 55 -32.02 5.89 -1.11
C GLN A 55 -33.26 5.61 -0.28
N ASP A 56 -33.17 5.75 1.03
CA ASP A 56 -34.29 5.40 1.90
C ASP A 56 -35.32 6.52 1.93
N PRO A 57 -36.55 6.24 1.48
CA PRO A 57 -37.60 7.27 1.50
C PRO A 57 -37.76 7.90 2.89
N ARG A 58 -37.52 7.10 3.92
CA ARG A 58 -37.75 7.52 5.31
C ARG A 58 -36.72 8.54 5.81
N LEU A 59 -35.64 8.72 5.06
CA LEU A 59 -34.66 9.74 5.40
C LEU A 59 -34.74 10.98 4.51
N GLN A 60 -35.66 11.00 3.56
CA GLN A 60 -35.73 11.99 2.48
CA GLN A 60 -35.50 12.04 2.55
C GLN A 60 -36.18 13.37 2.92
N HIS A 61 -36.72 13.48 4.14
CA HIS A 61 -37.13 14.79 4.64
C HIS A 61 -35.97 15.49 5.32
N TYR A 62 -34.83 14.80 5.43
CA TYR A 62 -33.60 15.45 5.89
C TYR A 62 -32.82 15.97 4.69
N ARG A 63 -31.91 16.92 4.93
CA ARG A 63 -30.96 17.34 3.90
C ARG A 63 -29.74 16.44 4.01
N LEU A 64 -29.57 15.55 3.01
CA LEU A 64 -28.57 14.48 3.12
C LEU A 64 -27.31 14.85 2.34
N ILE A 65 -26.26 15.17 3.05
CA ILE A 65 -25.04 15.65 2.42
C ILE A 65 -23.94 14.59 2.54
N THR A 66 -23.29 14.28 1.42
CA THR A 66 -22.14 13.39 1.44
C THR A 66 -20.97 14.10 0.76
N TYR A 67 -19.76 13.60 0.96
CA TYR A 67 -18.62 14.09 0.20
C TYR A 67 -17.53 13.05 0.20
N ASP A 68 -16.57 13.21 -0.71
CA ASP A 68 -15.40 12.33 -0.74
C ASP A 68 -14.30 12.98 0.09
N LEU A 69 -13.73 12.22 1.03
CA LEU A 69 -12.55 12.69 1.79
C LEU A 69 -11.39 13.05 0.86
N ARG A 70 -10.54 13.96 1.31
CA ARG A 70 -9.30 14.18 0.59
C ARG A 70 -8.61 12.84 0.35
N GLY A 71 -8.00 12.71 -0.82
CA GLY A 71 -7.32 11.46 -1.17
C GLY A 71 -8.21 10.34 -1.65
N HIS A 72 -9.52 10.57 -1.69
CA HIS A 72 -10.52 9.56 -2.02
C HIS A 72 -11.46 9.97 -3.14
N GLY A 73 -12.06 8.98 -3.80
CA GLY A 73 -13.14 9.24 -4.74
C GLY A 73 -12.75 10.23 -5.82
N LEU A 74 -13.54 11.31 -5.95
CA LEU A 74 -13.25 12.37 -6.93
C LEU A 74 -12.82 13.67 -6.26
N SER A 75 -12.45 13.60 -4.98
CA SER A 75 -11.86 14.75 -4.33
C SER A 75 -10.38 14.91 -4.70
N GLY A 76 -9.81 16.08 -4.40
CA GLY A 76 -8.40 16.30 -4.66
C GLY A 76 -7.51 15.34 -3.89
N LYS A 77 -6.36 15.07 -4.49
CA LYS A 77 -5.42 14.07 -3.97
CA LYS A 77 -5.43 14.07 -3.96
C LYS A 77 -4.00 14.62 -3.96
N PRO A 78 -3.71 15.53 -3.03
CA PRO A 78 -2.34 16.07 -2.96
C PRO A 78 -1.30 14.99 -2.80
N ALA A 79 -0.11 15.25 -3.32
CA ALA A 79 0.99 14.28 -3.25
C ALA A 79 1.73 14.33 -1.92
N GLU A 80 1.72 15.46 -1.23
CA GLU A 80 2.53 15.60 -0.01
C GLU A 80 1.94 14.81 1.15
N ALA A 81 2.74 13.96 1.78
CA ALA A 81 2.26 13.24 2.97
C ALA A 81 1.78 14.21 4.03
N SER A 82 2.43 15.36 4.15
CA SER A 82 2.04 16.30 5.20
C SER A 82 0.66 16.95 4.95
N SER A 83 0.09 16.77 3.77
CA SER A 83 -1.29 17.18 3.54
C SER A 83 -2.31 16.20 4.16
N TYR A 84 -1.82 15.06 4.66
CA TYR A 84 -2.70 14.05 5.28
C TYR A 84 -2.35 13.77 6.75
N THR A 85 -1.08 13.90 7.13
CA THR A 85 -0.69 13.49 8.47
C THR A 85 -1.19 14.47 9.51
N ASP A 86 -1.46 15.71 9.10
CA ASP A 86 -2.04 16.69 10.02
C ASP A 86 -3.57 16.46 10.06
N GLY A 87 -4.08 15.89 11.15
CA GLY A 87 -5.50 15.67 11.31
C GLY A 87 -6.34 16.92 11.10
N ARG A 88 -5.77 18.08 11.41
CA ARG A 88 -6.50 19.34 11.26
C ARG A 88 -6.93 19.58 9.81
N ARG A 89 -6.15 19.10 8.83
CA ARG A 89 -6.53 19.35 7.44
C ARG A 89 -7.87 18.70 7.12
N TRP A 90 -8.07 17.50 7.65
CA TRP A 90 -9.32 16.79 7.37
C TRP A 90 -10.48 17.45 8.12
N ALA A 91 -10.22 17.89 9.35
CA ALA A 91 -11.21 18.64 10.08
C ALA A 91 -11.58 19.93 9.36
N ASP A 92 -10.58 20.59 8.76
CA ASP A 92 -10.87 21.82 8.00
C ASP A 92 -11.67 21.53 6.73
N ASP A 93 -11.47 20.37 6.12
CA ASP A 93 -12.31 19.98 4.98
C ASP A 93 -13.78 19.92 5.42
N LEU A 94 -14.03 19.24 6.54
CA LEU A 94 -15.37 19.13 7.07
C LEU A 94 -15.93 20.52 7.41
N ALA A 95 -15.12 21.38 8.04
CA ALA A 95 -15.60 22.71 8.38
C ALA A 95 -15.97 23.50 7.13
N ALA A 96 -15.21 23.31 6.05
CA ALA A 96 -15.48 24.03 4.81
C ALA A 96 -16.80 23.58 4.21
N ILE A 97 -17.08 22.28 4.26
CA ILE A 97 -18.38 21.80 3.79
C ILE A 97 -19.53 22.31 4.66
N ILE A 98 -19.38 22.29 5.99
CA ILE A 98 -20.42 22.86 6.86
C ILE A 98 -20.68 24.32 6.49
N GLU A 99 -19.63 25.07 6.23
CA GLU A 99 -19.80 26.48 5.88
C GLU A 99 -20.42 26.69 4.50
N SER A 100 -19.91 25.97 3.51
CA SER A 100 -20.30 26.23 2.13
C SER A 100 -21.76 25.86 1.90
N THR A 101 -22.19 24.78 2.54
CA THR A 101 -23.57 24.32 2.41
C THR A 101 -24.51 25.16 3.25
N HIS A 102 -23.95 26.03 4.10
CA HIS A 102 -24.72 26.79 5.09
C HIS A 102 -25.61 25.87 5.92
N ALA A 103 -25.09 24.65 6.14
CA ALA A 103 -25.80 23.65 6.93
C ALA A 103 -26.01 24.16 8.35
N ARG A 104 -27.28 24.21 8.74
CA ARG A 104 -27.68 24.71 10.05
C ARG A 104 -27.76 23.58 11.07
N LYS A 105 -26.95 23.67 12.11
CA LYS A 105 -26.74 22.61 13.09
C LYS A 105 -26.86 21.22 12.49
N PRO A 106 -25.91 20.81 11.63
CA PRO A 106 -26.02 19.45 11.08
C PRO A 106 -25.71 18.41 12.13
N VAL A 107 -26.24 17.22 11.92
CA VAL A 107 -25.75 16.03 12.62
C VAL A 107 -24.65 15.42 11.76
N LEU A 108 -23.52 15.10 12.37
CA LEU A 108 -22.40 14.44 11.68
C LEU A 108 -22.49 12.93 11.83
N VAL A 109 -22.24 12.19 10.76
CA VAL A 109 -22.23 10.72 10.83
C VAL A 109 -20.89 10.29 10.26
N GLY A 110 -20.04 9.73 11.08
CA GLY A 110 -18.67 9.41 10.65
C GLY A 110 -18.36 7.93 10.76
N TRP A 111 -17.99 7.32 9.64
CA TRP A 111 -17.63 5.90 9.60
C TRP A 111 -16.13 5.72 9.70
N SER A 112 -15.67 5.03 10.75
CA SER A 112 -14.28 4.56 10.86
C SER A 112 -13.32 5.76 10.83
N LEU A 113 -12.50 5.95 9.79
CA LEU A 113 -11.66 7.14 9.70
C LEU A 113 -12.50 8.42 9.85
N GLY A 114 -13.73 8.37 9.36
CA GLY A 114 -14.63 9.51 9.47
C GLY A 114 -14.89 9.90 10.92
N GLY A 115 -14.85 8.92 11.82
CA GLY A 115 -14.97 9.21 13.26
C GLY A 115 -13.78 10.03 13.76
N ALA A 116 -12.59 9.69 13.26
CA ALA A 116 -11.40 10.46 13.65
C ALA A 116 -11.48 11.88 13.11
N VAL A 117 -12.02 12.02 11.90
CA VAL A 117 -12.23 13.38 11.36
C VAL A 117 -13.17 14.16 12.29
N ILE A 118 -14.27 13.54 12.75
CA ILE A 118 -15.16 14.23 13.70
C ILE A 118 -14.40 14.61 14.98
N SER A 119 -13.59 13.70 15.52
CA SER A 119 -12.87 14.07 16.75
C SER A 119 -11.97 15.27 16.52
N ASN A 120 -11.28 15.29 15.37
CA ASN A 120 -10.40 16.40 15.08
C ASN A 120 -11.18 17.70 14.83
N TYR A 121 -12.36 17.58 14.24
CA TYR A 121 -13.24 18.73 14.09
C TYR A 121 -13.69 19.26 15.46
N LEU A 122 -14.13 18.35 16.33
CA LEU A 122 -14.52 18.75 17.69
C LEU A 122 -13.36 19.41 18.41
N ALA A 123 -12.15 18.88 18.24
CA ALA A 123 -11.00 19.44 18.97
C ALA A 123 -10.71 20.87 18.52
N ALA A 124 -10.81 21.10 17.21
CA ALA A 124 -10.42 22.40 16.66
C ALA A 124 -11.54 23.45 16.72
N TYR A 125 -12.79 23.00 16.57
CA TYR A 125 -13.89 23.93 16.37
C TYR A 125 -14.93 23.86 17.48
N GLY A 126 -14.89 22.80 18.30
CA GLY A 126 -15.93 22.56 19.27
C GLY A 126 -17.23 22.15 18.60
N ASP A 127 -18.30 22.07 19.37
CA ASP A 127 -19.56 21.56 18.80
C ASP A 127 -20.69 22.57 18.66
N LYS A 128 -20.39 23.87 18.77
CA LYS A 128 -21.48 24.84 18.73
C LYS A 128 -22.09 24.94 17.34
N GLY A 129 -21.35 24.46 16.33
CA GLY A 129 -21.86 24.46 14.96
C GLY A 129 -22.62 23.21 14.53
N ILE A 130 -22.78 22.24 15.42
CA ILE A 130 -23.44 21.01 15.04
C ILE A 130 -24.52 20.64 16.07
N ALA A 131 -25.37 19.69 15.73
CA ALA A 131 -26.45 19.26 16.62
C ALA A 131 -26.14 17.96 17.34
N GLY A 132 -25.16 17.20 16.86
CA GLY A 132 -24.85 15.91 17.43
C GLY A 132 -23.93 15.15 16.48
N ALA A 133 -23.44 13.99 16.91
CA ALA A 133 -22.61 13.18 16.03
C ALA A 133 -22.83 11.72 16.32
N VAL A 134 -22.82 10.94 15.25
CA VAL A 134 -22.86 9.49 15.31
C VAL A 134 -21.52 8.95 14.82
N TYR A 135 -20.82 8.21 15.66
CA TYR A 135 -19.60 7.51 15.27
C TYR A 135 -20.04 6.11 14.88
N VAL A 136 -19.85 5.75 13.62
CA VAL A 136 -20.24 4.44 13.15
C VAL A 136 -18.99 3.60 12.99
N ASP A 137 -18.77 2.66 13.90
CA ASP A 137 -17.51 1.91 13.91
C ASP A 137 -16.34 2.88 13.78
N GLY A 138 -16.45 3.99 14.49
CA GLY A 138 -15.46 5.04 14.41
C GLY A 138 -14.12 4.69 15.00
N VAL A 139 -13.07 5.15 14.33
CA VAL A 139 -11.80 5.21 14.99
C VAL A 139 -11.91 6.17 16.15
N ILE A 140 -11.47 5.74 17.33
CA ILE A 140 -11.38 6.61 18.50
C ILE A 140 -9.92 7.01 18.60
N GLU A 141 -9.04 6.06 18.95
CA GLU A 141 -7.60 6.28 18.77
C GLU A 141 -7.02 5.16 17.95
N LEU A 142 -5.95 5.47 17.24
CA LEU A 142 -5.23 4.48 16.46
C LEU A 142 -4.17 3.83 17.33
N LYS A 143 -4.59 2.90 18.17
CA LYS A 143 -3.73 2.26 19.17
C LYS A 143 -4.01 0.76 19.14
N PRO A 144 -3.02 -0.08 19.45
CA PRO A 144 -3.25 -1.52 19.39
C PRO A 144 -4.39 -2.03 20.27
N ASP A 145 -4.69 -1.33 21.36
CA ASP A 145 -5.76 -1.79 22.23
C ASP A 145 -7.12 -1.51 21.61
N GLN A 146 -7.15 -0.77 20.50
CA GLN A 146 -8.43 -0.38 19.88
C GLN A 146 -8.55 -0.77 18.41
N ILE A 147 -7.47 -1.28 17.82
CA ILE A 147 -7.45 -1.59 16.38
C ILE A 147 -7.06 -3.07 16.20
N VAL A 148 -7.81 -3.80 15.39
CA VAL A 148 -7.53 -5.22 15.20
C VAL A 148 -6.22 -5.42 14.44
N ALA A 149 -5.41 -6.37 14.88
CA ALA A 149 -4.14 -6.64 14.21
C ALA A 149 -4.36 -7.34 12.87
N HIS A 150 -3.77 -6.78 11.80
CA HIS A 150 -3.75 -7.43 10.50
C HIS A 150 -2.45 -7.06 9.83
N PRO A 151 -1.34 -7.60 10.32
CA PRO A 151 -0.06 -7.05 9.83
C PRO A 151 0.16 -7.27 8.34
N GLU A 152 -0.26 -8.41 7.79
CA GLU A 152 -0.06 -8.70 6.37
C GLU A 152 -0.86 -7.74 5.50
N VAL A 153 -2.14 -7.55 5.83
CA VAL A 153 -3.02 -6.72 5.02
C VAL A 153 -2.60 -5.25 5.11
N TYR A 154 -2.31 -4.79 6.33
CA TYR A 154 -1.97 -3.39 6.49
C TYR A 154 -0.66 -3.06 5.75
N ARG A 155 0.28 -4.00 5.73
CA ARG A 155 1.51 -3.84 4.97
C ARG A 155 1.23 -3.90 3.46
N ASP A 156 0.47 -4.91 3.04
CA ASP A 156 0.27 -5.08 1.60
C ASP A 156 -0.50 -3.91 0.98
N MET A 157 -1.50 -3.37 1.69
CA MET A 157 -2.38 -2.38 1.09
CA MET A 157 -2.37 -2.40 1.02
C MET A 157 -1.64 -1.07 0.80
N ILE A 158 -0.44 -0.89 1.37
CA ILE A 158 0.37 0.31 1.08
C ILE A 158 1.66 -0.03 0.34
N ALA A 159 1.80 -1.28 -0.11
CA ALA A 159 3.02 -1.71 -0.78
C ALA A 159 3.26 -1.00 -2.11
N SER A 160 4.54 -0.93 -2.50
CA SER A 160 4.87 -0.35 -3.80
CA SER A 160 4.87 -0.34 -3.79
C SER A 160 4.54 -1.29 -4.95
N ASP A 161 4.63 -2.59 -4.72
CA ASP A 161 4.31 -3.56 -5.76
C ASP A 161 2.84 -3.50 -6.13
N LEU A 162 2.52 -3.36 -7.40
CA LEU A 162 1.15 -3.12 -7.82
C LEU A 162 0.17 -4.24 -7.46
N GLN A 163 0.49 -5.49 -7.80
CA GLN A 163 -0.42 -6.56 -7.43
C GLN A 163 -0.60 -6.66 -5.92
N THR A 164 0.49 -6.54 -5.17
CA THR A 164 0.41 -6.65 -3.72
C THR A 164 -0.50 -5.57 -3.16
N HIS A 165 -0.34 -4.35 -3.67
CA HIS A 165 -1.16 -3.22 -3.23
C HIS A 165 -2.63 -3.47 -3.49
N LEU A 166 -2.96 -3.88 -4.70
CA LEU A 166 -4.36 -4.14 -5.03
C LEU A 166 -4.91 -5.34 -4.24
N ASP A 167 -4.14 -6.41 -4.09
CA ASP A 167 -4.57 -7.55 -3.28
C ASP A 167 -4.82 -7.09 -1.84
N GLY A 168 -3.95 -6.24 -1.31
CA GLY A 168 -4.11 -5.72 0.04
C GLY A 168 -5.40 -4.91 0.20
N GLU A 169 -5.70 -4.04 -0.77
CA GLU A 169 -6.94 -3.29 -0.72
C GLU A 169 -8.14 -4.21 -0.76
N ARG A 170 -8.08 -5.26 -1.58
CA ARG A 170 -9.21 -6.17 -1.68
C ARG A 170 -9.42 -6.90 -0.35
N ALA A 171 -8.33 -7.31 0.30
CA ALA A 171 -8.44 -7.96 1.60
C ALA A 171 -8.97 -6.99 2.67
N PHE A 172 -8.53 -5.73 2.63
CA PHE A 172 -9.05 -4.74 3.56
C PHE A 172 -10.55 -4.57 3.37
N LEU A 173 -11.00 -4.46 2.12
CA LEU A 173 -12.43 -4.25 1.87
C LEU A 173 -13.22 -5.46 2.39
N ARG A 174 -12.70 -6.69 2.23
CA ARG A 174 -13.39 -7.86 2.79
CA ARG A 174 -13.37 -7.87 2.78
C ARG A 174 -13.49 -7.76 4.30
N LEU A 175 -12.47 -7.19 4.95
CA LEU A 175 -12.49 -7.03 6.40
C LEU A 175 -13.50 -5.96 6.84
N CYS A 176 -14.06 -5.19 5.91
CA CYS A 176 -15.01 -4.16 6.29
C CYS A 176 -16.39 -4.74 6.61
N PHE A 177 -16.60 -6.04 6.39
CA PHE A 177 -17.93 -6.62 6.54
C PHE A 177 -17.89 -7.91 7.32
N HIS A 178 -18.94 -8.15 8.12
CA HIS A 178 -19.24 -9.51 8.56
C HIS A 178 -20.23 -10.14 7.59
N ARG A 179 -21.36 -9.46 7.36
CA ARG A 179 -22.35 -9.85 6.34
C ARG A 179 -21.79 -9.32 5.00
N GLN A 180 -21.16 -10.17 4.20
CA GLN A 180 -20.60 -9.67 2.94
C GLN A 180 -21.67 -9.17 2.01
N PRO A 181 -21.37 -8.08 1.29
CA PRO A 181 -22.32 -7.54 0.31
C PRO A 181 -22.45 -8.47 -0.89
N ASP A 182 -23.46 -8.26 -1.73
CA ASP A 182 -23.53 -9.08 -2.92
C ASP A 182 -22.30 -8.76 -3.81
N ALA A 183 -22.03 -9.65 -4.75
CA ALA A 183 -20.81 -9.57 -5.53
C ALA A 183 -20.73 -8.28 -6.33
N THR A 184 -21.85 -7.80 -6.85
CA THR A 184 -21.79 -6.60 -7.66
C THR A 184 -21.49 -5.37 -6.80
N THR A 185 -22.12 -5.28 -5.62
CA THR A 185 -21.81 -4.20 -4.70
C THR A 185 -20.35 -4.25 -4.27
N PHE A 186 -19.85 -5.44 -3.97
CA PHE A 186 -18.44 -5.55 -3.60
C PHE A 186 -17.55 -5.06 -4.75
N SER A 187 -17.87 -5.42 -5.99
CA SER A 187 -17.05 -5.01 -7.13
CA SER A 187 -17.03 -5.02 -7.12
C SER A 187 -17.05 -3.49 -7.29
N LEU A 188 -18.19 -2.84 -7.04
CA LEU A 188 -18.29 -1.38 -7.15
C LEU A 188 -17.40 -0.75 -6.09
N LEU A 189 -17.50 -1.24 -4.86
CA LEU A 189 -16.70 -0.70 -3.77
C LEU A 189 -15.20 -1.01 -3.94
N LEU A 190 -14.89 -2.12 -4.60
CA LEU A 190 -13.49 -2.49 -4.87
C LEU A 190 -12.85 -1.49 -5.84
N ALA A 191 -13.54 -1.21 -6.94
CA ALA A 191 -13.05 -0.22 -7.92
C ALA A 191 -12.98 1.17 -7.27
N ASN A 192 -14.00 1.48 -6.46
CA ASN A 192 -14.05 2.71 -5.70
C ASN A 192 -12.82 2.88 -4.79
N ALA A 193 -12.44 1.79 -4.12
CA ALA A 193 -11.27 1.82 -3.24
C ALA A 193 -10.00 2.06 -4.04
N ALA A 194 -9.92 1.52 -5.27
CA ALA A 194 -8.72 1.69 -6.09
C ALA A 194 -8.49 3.13 -6.51
N LEU A 195 -9.50 3.98 -6.37
CA LEU A 195 -9.32 5.41 -6.65
C LEU A 195 -8.53 6.12 -5.58
N ALA A 196 -8.40 5.52 -4.40
CA ALA A 196 -7.74 6.24 -3.30
C ALA A 196 -6.25 6.46 -3.56
N SER A 197 -5.78 7.63 -3.16
CA SER A 197 -4.39 8.02 -3.33
C SER A 197 -3.43 7.15 -2.52
N TRP A 198 -2.37 6.66 -3.18
CA TRP A 198 -1.36 5.88 -2.48
C TRP A 198 -0.56 6.77 -1.52
N ASP A 199 -0.48 8.07 -1.82
CA ASP A 199 0.20 9.00 -0.90
C ASP A 199 -0.62 9.13 0.38
N MET A 200 -1.93 9.27 0.22
CA MET A 200 -2.85 9.32 1.34
C MET A 200 -2.72 8.04 2.16
N GLN A 201 -2.73 6.88 1.48
CA GLN A 201 -2.75 5.63 2.23
C GLN A 201 -1.53 5.44 3.13
N ARG A 202 -0.35 5.81 2.61
CA ARG A 202 0.87 5.70 3.42
C ARG A 202 0.89 6.67 4.58
N ALA A 203 0.33 7.86 4.36
CA ALA A 203 0.35 8.91 5.35
C ALA A 203 -0.70 8.76 6.46
N VAL A 204 -1.88 8.22 6.13
CA VAL A 204 -3.01 8.31 7.05
C VAL A 204 -2.74 7.51 8.34
N ARG A 205 -1.88 6.51 8.26
CA ARG A 205 -1.34 5.77 9.40
C ARG A 205 -0.86 6.69 10.52
N SER A 206 -0.28 7.81 10.11
CA SER A 206 0.37 8.77 11.00
C SER A 206 -0.48 9.98 11.29
N MET A 207 -1.73 9.98 10.84
CA MET A 207 -2.62 11.13 11.05
C MET A 207 -2.87 11.36 12.52
N THR A 208 -2.69 12.60 12.98
CA THR A 208 -2.98 12.92 14.37
C THR A 208 -4.49 12.84 14.63
N VAL A 209 -4.85 12.35 15.81
CA VAL A 209 -6.27 12.25 16.19
C VAL A 209 -6.43 12.78 17.61
N GLU A 210 -7.11 13.90 17.75
CA GLU A 210 -7.29 14.51 19.07
C GLU A 210 -8.60 14.03 19.69
N ALA A 211 -8.70 12.73 19.91
CA ALA A 211 -9.91 12.15 20.46
C ALA A 211 -10.17 12.63 21.89
N ALA A 212 -9.13 12.67 22.71
CA ALA A 212 -9.32 13.03 24.12
C ALA A 212 -9.88 14.44 24.21
N LYS A 213 -9.26 15.36 23.48
CA LYS A 213 -9.73 16.74 23.51
C LYS A 213 -11.13 16.88 22.87
N GLY A 214 -11.34 16.33 21.68
CA GLY A 214 -12.59 16.56 21.00
C GLY A 214 -13.78 15.90 21.70
N LEU A 215 -13.60 14.64 22.08
CA LEU A 215 -14.71 13.92 22.72
C LEU A 215 -15.00 14.46 24.09
N SER A 216 -13.97 14.74 24.88
CA SER A 216 -14.24 15.01 26.28
CA SER A 216 -14.17 15.07 26.29
C SER A 216 -14.95 16.35 26.43
N LYS A 217 -14.73 17.25 25.49
CA LYS A 217 -15.36 18.57 25.58
C LYS A 217 -16.75 18.66 24.97
N ALA A 218 -17.23 17.61 24.31
CA ALA A 218 -18.48 17.72 23.58
C ALA A 218 -19.68 17.78 24.53
N GLU A 219 -20.66 18.62 24.21
CA GLU A 219 -21.94 18.66 24.93
C GLU A 219 -23.10 18.16 24.10
N VAL A 220 -22.97 18.23 22.79
CA VAL A 220 -24.04 17.71 21.94
C VAL A 220 -24.14 16.22 22.12
N PRO A 221 -25.29 15.66 21.79
CA PRO A 221 -25.39 14.20 21.92
C PRO A 221 -24.43 13.47 20.98
N LEU A 222 -23.89 12.39 21.51
CA LEU A 222 -22.99 11.51 20.78
C LEU A 222 -23.51 10.08 20.88
N LEU A 223 -23.57 9.41 19.73
CA LEU A 223 -24.00 8.03 19.65
C LEU A 223 -22.91 7.21 18.96
N LEU A 224 -22.50 6.12 19.57
CA LEU A 224 -21.50 5.23 18.99
C LEU A 224 -22.20 3.94 18.59
N LEU A 225 -22.23 3.64 17.31
CA LEU A 225 -22.93 2.47 16.78
C LEU A 225 -21.87 1.59 16.15
N TYR A 226 -21.66 0.38 16.69
CA TYR A 226 -20.58 -0.52 16.18
C TYR A 226 -21.14 -1.88 15.89
N GLY A 227 -20.64 -2.52 14.84
CA GLY A 227 -20.84 -3.95 14.69
C GLY A 227 -19.97 -4.69 15.69
N ALA A 228 -20.57 -5.64 16.42
CA ALA A 228 -19.84 -6.38 17.43
C ALA A 228 -18.72 -7.21 16.82
N GLN A 229 -18.87 -7.57 15.55
CA GLN A 229 -17.86 -8.42 14.92
CA GLN A 229 -17.95 -8.41 14.79
C GLN A 229 -16.94 -7.62 14.00
N ASP A 230 -16.83 -6.32 14.24
CA ASP A 230 -15.94 -5.46 13.46
C ASP A 230 -14.52 -6.05 13.47
N ALA A 231 -14.00 -6.34 12.29
CA ALA A 231 -12.70 -6.98 12.10
C ALA A 231 -11.58 -5.97 11.94
N LEU A 232 -11.89 -4.68 12.04
CA LEU A 232 -10.87 -3.66 11.82
C LEU A 232 -10.70 -2.78 13.03
N VAL A 233 -11.82 -2.33 13.60
CA VAL A 233 -11.78 -1.53 14.82
C VAL A 233 -12.31 -2.41 15.95
N LYS A 234 -11.59 -2.48 17.08
CA LYS A 234 -12.06 -3.27 18.22
C LYS A 234 -13.23 -2.53 18.87
N ALA A 235 -14.43 -3.09 18.73
CA ALA A 235 -15.68 -2.39 19.10
C ALA A 235 -15.75 -2.08 20.59
N LYS A 236 -15.70 -3.11 21.44
CA LYS A 236 -15.88 -2.81 22.85
C LYS A 236 -14.75 -1.93 23.44
N PRO A 237 -13.48 -2.18 23.07
CA PRO A 237 -12.45 -1.30 23.64
C PRO A 237 -12.54 0.13 23.13
N SER A 238 -12.95 0.33 21.88
CA SER A 238 -13.10 1.68 21.36
C SER A 238 -14.25 2.40 22.07
N ILE A 239 -15.39 1.72 22.22
CA ILE A 239 -16.52 2.29 22.93
C ILE A 239 -16.13 2.63 24.36
N ALA A 240 -15.40 1.74 25.02
CA ALA A 240 -15.04 1.95 26.41
C ALA A 240 -14.09 3.13 26.55
N ARG A 241 -13.14 3.27 25.63
CA ARG A 241 -12.23 4.41 25.65
C ARG A 241 -13.00 5.71 25.44
N ALA A 242 -13.92 5.72 24.48
CA ALA A 242 -14.72 6.92 24.25
C ALA A 242 -15.58 7.28 25.46
N LYS A 243 -16.23 6.29 26.09
CA LYS A 243 -17.06 6.58 27.26
C LYS A 243 -16.21 7.05 28.43
N SER A 244 -14.96 6.59 28.49
CA SER A 244 -14.04 7.03 29.53
CA SER A 244 -14.05 7.03 29.54
C SER A 244 -13.76 8.52 29.38
N LEU A 245 -13.70 8.96 28.13
CA LEU A 245 -13.45 10.36 27.83
C LEU A 245 -14.68 11.21 27.99
N ASN A 246 -15.84 10.66 27.64
CA ASN A 246 -17.09 11.40 27.72
C ASN A 246 -18.18 10.46 28.18
N PRO A 247 -18.57 10.55 29.46
CA PRO A 247 -19.50 9.56 30.04
C PRO A 247 -20.93 9.75 29.56
N ARG A 248 -21.20 10.82 28.80
CA ARG A 248 -22.56 10.98 28.27
C ARG A 248 -22.76 10.30 26.92
N ILE A 249 -21.70 9.74 26.34
CA ILE A 249 -21.84 8.94 25.12
C ILE A 249 -22.81 7.79 25.33
N ARG A 250 -23.68 7.58 24.36
CA ARG A 250 -24.51 6.39 24.31
C ARG A 250 -23.95 5.47 23.22
N SER A 251 -24.11 4.16 23.38
CA SER A 251 -23.61 3.23 22.39
C SER A 251 -24.59 2.11 22.13
N GLU A 252 -24.44 1.48 20.96
CA GLU A 252 -25.21 0.30 20.61
C GLU A 252 -24.28 -0.63 19.86
N LEU A 253 -24.37 -1.91 20.16
CA LEU A 253 -23.65 -2.95 19.44
C LEU A 253 -24.61 -3.71 18.56
N TYR A 254 -24.27 -3.83 17.28
CA TYR A 254 -25.04 -4.67 16.36
C TYR A 254 -24.37 -6.04 16.38
N ALA A 255 -25.01 -7.00 17.04
CA ALA A 255 -24.38 -8.30 17.30
C ALA A 255 -23.85 -9.01 16.05
N ASP A 256 -24.58 -8.91 14.94
CA ASP A 256 -24.25 -9.71 13.77
CA ASP A 256 -24.35 -9.70 13.73
C ASP A 256 -23.75 -8.85 12.61
N SER A 257 -23.30 -7.64 12.92
CA SER A 257 -22.61 -6.82 11.92
C SER A 257 -21.15 -6.72 12.22
N GLY A 258 -20.39 -6.47 11.16
CA GLY A 258 -18.99 -6.10 11.26
C GLY A 258 -18.81 -4.59 11.14
N HIS A 259 -17.75 -4.18 10.43
CA HIS A 259 -17.29 -2.81 10.41
C HIS A 259 -18.23 -1.83 9.69
N ALA A 260 -19.19 -2.33 8.91
CA ALA A 260 -20.04 -1.47 8.09
C ALA A 260 -21.54 -1.74 8.32
N PRO A 261 -22.04 -1.48 9.55
CA PRO A 261 -23.45 -1.78 9.86
C PRO A 261 -24.46 -0.99 9.02
N PHE A 262 -24.09 0.19 8.51
CA PHE A 262 -24.98 0.98 7.67
C PHE A 262 -25.26 0.28 6.34
N LEU A 263 -24.37 -0.64 5.93
CA LEU A 263 -24.59 -1.47 4.76
C LEU A 263 -25.13 -2.84 5.15
N GLU A 264 -24.64 -3.36 6.28
CA GLU A 264 -25.00 -4.73 6.69
C GLU A 264 -26.39 -4.87 7.29
N GLU A 265 -26.82 -3.86 8.05
CA GLU A 265 -28.13 -3.81 8.67
C GLU A 265 -28.76 -2.44 8.40
N PRO A 266 -29.07 -2.16 7.14
CA PRO A 266 -29.40 -0.77 6.75
C PRO A 266 -30.75 -0.32 7.31
N GLU A 267 -31.72 -1.22 7.42
CA GLU A 267 -33.02 -0.79 7.96
C GLU A 267 -32.89 -0.39 9.43
N ARG A 268 -32.17 -1.21 10.20
CA ARG A 268 -31.91 -0.90 11.59
C ARG A 268 -31.07 0.38 11.73
N PHE A 269 -30.04 0.51 10.89
CA PHE A 269 -29.20 1.69 10.96
C PHE A 269 -29.99 2.96 10.67
N ASN A 270 -30.82 2.92 9.64
CA ASN A 270 -31.55 4.12 9.25
C ASN A 270 -32.58 4.49 10.31
N ARG A 271 -33.17 3.49 10.94
CA ARG A 271 -34.06 3.72 12.08
C ARG A 271 -33.30 4.40 13.24
N ASP A 272 -32.15 3.82 13.62
CA ASP A 272 -31.35 4.43 14.69
C ASP A 272 -30.91 5.84 14.34
N LEU A 273 -30.51 6.07 13.09
CA LEU A 273 -30.05 7.39 12.68
C LEU A 273 -31.18 8.40 12.74
N SER A 274 -32.33 8.05 12.18
CA SER A 274 -33.43 9.02 12.20
C SER A 274 -33.87 9.32 13.64
N ASP A 275 -33.91 8.27 14.47
CA ASP A 275 -34.28 8.47 15.87
C ASP A 275 -33.27 9.37 16.58
N PHE A 276 -31.98 9.20 16.30
CA PHE A 276 -30.96 10.01 16.92
C PHE A 276 -31.12 11.48 16.50
N VAL A 277 -31.34 11.71 15.21
CA VAL A 277 -31.48 13.08 14.73
C VAL A 277 -32.70 13.73 15.36
N ARG A 278 -33.82 13.03 15.38
CA ARG A 278 -35.04 13.55 16.00
C ARG A 278 -34.80 13.93 17.46
N MET A 279 -34.11 13.07 18.18
CA MET A 279 -33.81 13.33 19.59
C MET A 279 -32.88 14.57 19.72
N ALA A 280 -31.85 14.64 18.88
CA ALA A 280 -30.86 15.70 19.01
C ALA A 280 -31.49 17.06 18.73
N LEU A 281 -32.49 17.06 17.86
CA LEU A 281 -33.14 18.31 17.47
C LEU A 281 -34.28 18.74 18.39
N SER A 282 -34.56 17.94 19.43
CA SER A 282 -35.66 18.28 20.33
C SER A 282 -35.17 18.24 21.79
N ARG A 283 -33.87 18.36 21.99
CA ARG A 283 -33.26 18.30 23.32
C ARG A 283 -33.58 19.54 24.18
N ARG B 12 -17.75 -41.37 -4.07
CA ARG B 12 -16.51 -42.16 -4.17
C ARG B 12 -16.01 -42.56 -2.78
N ASP B 13 -15.77 -43.85 -2.63
CA ASP B 13 -15.34 -44.43 -1.37
C ASP B 13 -14.44 -45.64 -1.67
N TYR B 14 -13.21 -45.61 -1.19
CA TYR B 14 -12.27 -46.68 -1.51
C TYR B 14 -11.15 -46.73 -0.48
N THR B 15 -10.16 -47.58 -0.71
CA THR B 15 -9.04 -47.64 0.20
C THR B 15 -7.74 -47.43 -0.54
N VAL B 16 -6.73 -47.01 0.21
CA VAL B 16 -5.36 -46.81 -0.27
C VAL B 16 -4.43 -47.46 0.73
N THR B 17 -3.52 -48.32 0.29
CA THR B 17 -2.60 -48.94 1.21
C THR B 17 -1.36 -48.07 1.34
N ALA B 18 -1.06 -47.70 2.58
CA ALA B 18 0.09 -46.85 2.93
C ALA B 18 1.39 -47.63 2.79
N PRO B 19 2.52 -46.92 2.69
CA PRO B 19 3.80 -47.61 2.57
C PRO B 19 4.08 -48.65 3.66
N ASP B 20 3.61 -48.46 4.90
CA ASP B 20 3.89 -49.48 5.92
C ASP B 20 2.77 -50.53 6.02
N GLY B 21 1.85 -50.52 5.06
CA GLY B 21 0.84 -51.57 4.98
C GLY B 21 -0.51 -51.19 5.59
N VAL B 22 -0.59 -50.07 6.31
CA VAL B 22 -1.86 -49.67 6.90
C VAL B 22 -2.84 -49.31 5.79
N VAL B 23 -4.05 -49.81 5.88
CA VAL B 23 -5.06 -49.55 4.87
C VAL B 23 -5.88 -48.34 5.25
N LEU B 24 -5.83 -47.31 4.42
CA LEU B 24 -6.52 -46.04 4.70
C LEU B 24 -7.86 -45.99 4.00
N ALA B 25 -8.89 -45.51 4.70
CA ALA B 25 -10.19 -45.31 4.12
C ALA B 25 -10.26 -43.91 3.53
N VAL B 26 -10.55 -43.85 2.23
CA VAL B 26 -10.49 -42.62 1.44
C VAL B 26 -11.83 -42.33 0.80
N GLN B 27 -12.17 -41.05 0.69
CA GLN B 27 -13.43 -40.63 0.08
C GLN B 27 -13.21 -39.46 -0.84
N GLU B 28 -14.11 -39.32 -1.82
CA GLU B 28 -14.08 -38.14 -2.69
C GLU B 28 -15.45 -37.58 -2.90
N ALA B 29 -15.49 -36.28 -3.13
CA ALA B 29 -16.72 -35.57 -3.44
C ALA B 29 -16.36 -34.40 -4.36
N GLY B 30 -17.32 -33.52 -4.62
CA GLY B 30 -17.12 -32.43 -5.55
C GLY B 30 -16.92 -32.89 -6.99
N ASP B 31 -16.20 -32.10 -7.77
CA ASP B 31 -15.98 -32.37 -9.20
C ASP B 31 -14.72 -33.22 -9.37
N PRO B 32 -14.87 -34.46 -9.89
CA PRO B 32 -13.67 -35.31 -10.06
C PRO B 32 -12.63 -34.68 -10.98
N GLU B 33 -13.07 -33.76 -11.84
CA GLU B 33 -12.19 -33.12 -12.81
C GLU B 33 -11.66 -31.79 -12.29
N GLY B 34 -12.08 -31.38 -11.10
CA GLY B 34 -11.65 -30.10 -10.55
C GLY B 34 -10.28 -30.17 -9.90
N SER B 35 -9.71 -29.02 -9.60
CA SER B 35 -8.43 -28.99 -8.87
CA SER B 35 -8.45 -28.97 -8.86
C SER B 35 -8.64 -29.61 -7.49
N PRO B 36 -7.67 -30.40 -7.04
CA PRO B 36 -7.88 -31.17 -5.79
C PRO B 36 -7.57 -30.41 -4.52
N ILE B 37 -8.39 -30.67 -3.49
CA ILE B 37 -8.16 -30.24 -2.14
C ILE B 37 -8.18 -31.50 -1.29
N ILE B 38 -7.15 -31.71 -0.48
CA ILE B 38 -7.12 -32.87 0.41
C ILE B 38 -7.23 -32.39 1.85
N PHE B 39 -8.25 -32.90 2.54
CA PHE B 39 -8.56 -32.54 3.92
C PHE B 39 -8.05 -33.61 4.86
N ILE B 40 -7.37 -33.18 5.93
CA ILE B 40 -6.72 -34.06 6.88
C ILE B 40 -7.27 -33.71 8.26
N HIS B 41 -7.99 -34.63 8.89
CA HIS B 41 -8.65 -34.30 10.14
C HIS B 41 -7.71 -34.39 11.33
N GLY B 42 -8.27 -34.15 12.53
CA GLY B 42 -7.49 -34.11 13.75
C GLY B 42 -7.76 -35.28 14.69
N LEU B 43 -7.17 -35.21 15.89
CA LEU B 43 -7.31 -36.28 16.87
C LEU B 43 -8.77 -36.57 17.21
N LEU B 44 -9.08 -37.87 17.18
CA LEU B 44 -10.42 -38.40 17.48
CA LEU B 44 -10.41 -38.42 17.47
C LEU B 44 -11.45 -38.05 16.43
N GLY B 45 -11.02 -37.51 15.29
CA GLY B 45 -11.94 -37.21 14.21
C GLY B 45 -12.01 -38.30 13.16
N SER B 46 -12.56 -37.94 12.00
CA SER B 46 -12.58 -38.78 10.81
C SER B 46 -12.94 -37.88 9.65
N ARG B 47 -13.13 -38.45 8.46
CA ARG B 47 -13.61 -37.64 7.34
C ARG B 47 -14.92 -36.87 7.62
N LEU B 48 -15.73 -37.36 8.58
CA LEU B 48 -16.99 -36.70 8.92
C LEU B 48 -16.82 -35.28 9.45
N ASN B 49 -15.62 -34.94 9.92
CA ASN B 49 -15.37 -33.59 10.38
C ASN B 49 -15.63 -32.55 9.31
N TRP B 50 -15.45 -32.94 8.05
CA TRP B 50 -15.47 -31.99 6.95
C TRP B 50 -16.80 -31.84 6.22
N SER B 51 -17.88 -32.32 6.82
CA SER B 51 -19.18 -32.32 6.14
C SER B 51 -19.63 -30.94 5.62
N LYS B 52 -19.37 -29.88 6.37
CA LYS B 52 -19.84 -28.57 5.95
C LYS B 52 -19.02 -27.97 4.82
N GLN B 53 -17.83 -28.52 4.57
CA GLN B 53 -17.03 -28.14 3.39
C GLN B 53 -17.51 -28.93 2.18
N LEU B 54 -17.72 -30.22 2.38
CA LEU B 54 -18.14 -31.09 1.28
C LEU B 54 -19.51 -30.69 0.73
N GLN B 55 -20.32 -30.06 1.58
CA GLN B 55 -21.69 -29.71 1.20
C GLN B 55 -21.82 -28.32 0.59
N ASP B 56 -20.73 -27.56 0.56
CA ASP B 56 -20.72 -26.17 0.08
CA ASP B 56 -20.79 -26.18 0.08
C ASP B 56 -20.64 -26.08 -1.44
N PRO B 57 -21.62 -25.44 -2.10
CA PRO B 57 -21.59 -25.33 -3.57
C PRO B 57 -20.30 -24.74 -4.15
N ARG B 58 -19.74 -23.71 -3.51
CA ARG B 58 -18.48 -23.12 -3.97
C ARG B 58 -17.33 -24.13 -4.01
N LEU B 59 -17.22 -24.95 -2.97
CA LEU B 59 -16.08 -25.86 -2.87
C LEU B 59 -16.26 -27.05 -3.79
N GLN B 60 -17.49 -27.32 -4.22
CA GLN B 60 -17.76 -28.48 -5.05
C GLN B 60 -17.28 -28.32 -6.49
N HIS B 61 -16.78 -27.14 -6.85
CA HIS B 61 -16.06 -26.95 -8.11
C HIS B 61 -14.71 -27.66 -8.06
N TYR B 62 -14.28 -28.02 -6.85
CA TYR B 62 -13.01 -28.69 -6.63
C TYR B 62 -13.18 -30.18 -6.42
N ARG B 63 -12.09 -30.92 -6.56
CA ARG B 63 -12.10 -32.35 -6.27
C ARG B 63 -11.79 -32.47 -4.79
N LEU B 64 -12.79 -32.88 -4.02
CA LEU B 64 -12.72 -32.78 -2.57
C LEU B 64 -12.38 -34.16 -1.98
N ILE B 65 -11.14 -34.33 -1.57
CA ILE B 65 -10.64 -35.62 -1.09
C ILE B 65 -10.49 -35.61 0.43
N THR B 66 -11.05 -36.64 1.08
CA THR B 66 -10.92 -36.79 2.53
C THR B 66 -10.38 -38.20 2.80
N TYR B 67 -9.88 -38.42 4.00
CA TYR B 67 -9.56 -39.77 4.44
C TYR B 67 -9.52 -39.84 5.95
N ASP B 68 -9.51 -41.05 6.46
CA ASP B 68 -9.37 -41.26 7.90
C ASP B 68 -7.89 -41.48 8.23
N LEU B 69 -7.37 -40.74 9.21
CA LEU B 69 -6.02 -40.99 9.68
C LEU B 69 -5.84 -42.41 10.19
N ARG B 70 -4.61 -42.92 10.14
CA ARG B 70 -4.31 -44.15 10.83
C ARG B 70 -4.82 -44.09 12.28
N GLY B 71 -5.37 -45.21 12.77
CA GLY B 71 -5.89 -45.27 14.11
C GLY B 71 -7.28 -44.68 14.28
N HIS B 72 -7.86 -44.16 13.21
CA HIS B 72 -9.14 -43.43 13.29
C HIS B 72 -10.16 -43.98 12.31
N GLY B 73 -11.43 -43.74 12.61
CA GLY B 73 -12.49 -44.02 11.64
C GLY B 73 -12.47 -45.44 11.12
N LEU B 74 -12.42 -45.60 9.81
CA LEU B 74 -12.37 -46.93 9.19
C LEU B 74 -10.98 -47.27 8.63
N SER B 75 -9.96 -46.49 8.99
CA SER B 75 -8.60 -46.84 8.54
C SER B 75 -8.00 -47.87 9.49
N GLY B 76 -6.89 -48.49 9.07
CA GLY B 76 -6.24 -49.49 9.89
C GLY B 76 -5.81 -48.95 11.24
N LYS B 77 -5.78 -49.84 12.23
CA LYS B 77 -5.54 -49.50 13.63
CA LYS B 77 -5.51 -49.47 13.62
C LYS B 77 -4.49 -50.44 14.21
N PRO B 78 -3.24 -50.35 13.74
CA PRO B 78 -2.23 -51.25 14.29
C PRO B 78 -2.03 -51.01 15.78
N ALA B 79 -1.50 -52.02 16.46
CA ALA B 79 -1.36 -51.98 17.90
C ALA B 79 -0.09 -51.34 18.40
N GLU B 80 0.97 -51.48 17.60
CA GLU B 80 2.32 -51.10 18.00
C GLU B 80 2.46 -49.58 18.12
N ALA B 81 3.06 -49.13 19.22
CA ALA B 81 3.26 -47.71 19.43
C ALA B 81 4.08 -47.08 18.30
N SER B 82 5.06 -47.81 17.77
CA SER B 82 5.90 -47.26 16.69
C SER B 82 5.10 -46.92 15.43
N SER B 83 3.94 -47.54 15.25
CA SER B 83 3.10 -47.19 14.11
C SER B 83 2.57 -45.76 14.21
N TYR B 84 2.63 -45.18 15.41
CA TYR B 84 2.09 -43.85 15.61
C TYR B 84 3.11 -42.83 16.05
N THR B 85 4.13 -43.26 16.79
CA THR B 85 5.12 -42.29 17.28
C THR B 85 6.04 -41.77 16.17
N ASP B 86 6.22 -42.54 15.10
CA ASP B 86 7.08 -42.12 13.99
C ASP B 86 6.25 -41.20 13.08
N GLY B 87 6.47 -39.89 13.19
CA GLY B 87 5.72 -38.93 12.38
C GLY B 87 5.79 -39.20 10.89
N ARG B 88 6.86 -39.83 10.45
CA ARG B 88 7.00 -40.07 9.01
C ARG B 88 5.93 -41.03 8.47
N ARG B 89 5.43 -41.91 9.33
CA ARG B 89 4.38 -42.83 8.87
C ARG B 89 3.11 -42.08 8.48
N TRP B 90 2.79 -41.04 9.24
CA TRP B 90 1.61 -40.25 8.94
C TRP B 90 1.83 -39.40 7.69
N ALA B 91 3.06 -38.88 7.53
CA ALA B 91 3.44 -38.19 6.30
C ALA B 91 3.32 -39.12 5.12
N ASP B 92 3.76 -40.37 5.29
CA ASP B 92 3.68 -41.31 4.18
C ASP B 92 2.24 -41.69 3.85
N ASP B 93 1.35 -41.68 4.84
CA ASP B 93 -0.07 -41.92 4.59
C ASP B 93 -0.60 -40.85 3.64
N LEU B 94 -0.28 -39.60 3.95
CA LEU B 94 -0.79 -38.50 3.12
C LEU B 94 -0.16 -38.58 1.73
N ALA B 95 1.13 -38.88 1.66
CA ALA B 95 1.76 -39.03 0.35
C ALA B 95 1.07 -40.14 -0.46
N ALA B 96 0.72 -41.24 0.21
CA ALA B 96 0.06 -42.35 -0.48
C ALA B 96 -1.28 -41.90 -1.06
N ILE B 97 -1.98 -41.04 -0.33
CA ILE B 97 -3.26 -40.50 -0.81
C ILE B 97 -3.03 -39.68 -2.09
N ILE B 98 -2.04 -38.79 -2.03
CA ILE B 98 -1.76 -37.96 -3.17
C ILE B 98 -1.37 -38.81 -4.38
N GLU B 99 -0.52 -39.81 -4.14
CA GLU B 99 -0.05 -40.67 -5.22
C GLU B 99 -1.19 -41.50 -5.83
N SER B 100 -2.02 -42.09 -4.97
CA SER B 100 -3.05 -42.99 -5.44
C SER B 100 -4.17 -42.24 -6.17
N THR B 101 -4.51 -41.05 -5.69
CA THR B 101 -5.56 -40.27 -6.32
C THR B 101 -5.09 -39.55 -7.58
N HIS B 102 -3.77 -39.55 -7.84
CA HIS B 102 -3.19 -38.82 -8.96
C HIS B 102 -3.46 -37.33 -8.84
N ALA B 103 -3.61 -36.85 -7.61
CA ALA B 103 -3.82 -35.42 -7.37
C ALA B 103 -2.58 -34.62 -7.74
N ARG B 104 -2.74 -33.73 -8.72
CA ARG B 104 -1.67 -32.82 -9.13
C ARG B 104 -1.85 -31.49 -8.41
N LYS B 105 -0.80 -31.06 -7.74
CA LYS B 105 -0.78 -29.84 -6.94
C LYS B 105 -2.05 -29.61 -6.11
N PRO B 106 -2.37 -30.56 -5.23
CA PRO B 106 -3.50 -30.30 -4.35
C PRO B 106 -3.20 -29.21 -3.34
N VAL B 107 -4.24 -28.55 -2.87
CA VAL B 107 -4.11 -27.78 -1.65
C VAL B 107 -4.39 -28.70 -0.46
N LEU B 108 -3.53 -28.67 0.56
CA LEU B 108 -3.73 -29.47 1.79
C LEU B 108 -4.43 -28.64 2.83
N VAL B 109 -5.37 -29.24 3.55
CA VAL B 109 -6.09 -28.55 4.61
C VAL B 109 -6.04 -29.47 5.81
N GLY B 110 -5.32 -29.08 6.86
CA GLY B 110 -5.07 -29.95 7.98
C GLY B 110 -5.56 -29.35 9.26
N TRP B 111 -6.41 -30.10 9.97
CA TRP B 111 -6.98 -29.64 11.23
C TRP B 111 -6.21 -30.22 12.40
N SER B 112 -5.62 -29.36 13.25
CA SER B 112 -5.05 -29.78 14.53
C SER B 112 -3.93 -30.85 14.32
N LEU B 113 -4.10 -32.11 14.75
CA LEU B 113 -3.12 -33.16 14.43
C LEU B 113 -2.79 -33.22 12.93
N GLY B 114 -3.79 -32.92 12.10
CA GLY B 114 -3.62 -32.85 10.66
C GLY B 114 -2.55 -31.83 10.25
N GLY B 115 -2.40 -30.74 11.02
CA GLY B 115 -1.33 -29.79 10.74
C GLY B 115 0.04 -30.41 10.96
N ALA B 116 0.17 -31.20 12.01
CA ALA B 116 1.43 -31.92 12.27
C ALA B 116 1.71 -32.91 11.14
N VAL B 117 0.67 -33.55 10.61
CA VAL B 117 0.83 -34.43 9.45
C VAL B 117 1.42 -33.62 8.27
N ILE B 118 0.86 -32.43 8.01
CA ILE B 118 1.37 -31.59 6.93
C ILE B 118 2.82 -31.24 7.18
N SER B 119 3.18 -30.88 8.41
CA SER B 119 4.59 -30.52 8.68
C SER B 119 5.51 -31.69 8.41
N ASN B 120 5.09 -32.88 8.83
CA ASN B 120 5.92 -34.04 8.58
C ASN B 120 6.00 -34.37 7.10
N TYR B 121 4.89 -34.17 6.40
CA TYR B 121 4.89 -34.35 4.94
C TYR B 121 5.87 -33.35 4.27
N LEU B 122 5.80 -32.08 4.65
CA LEU B 122 6.69 -31.06 4.07
C LEU B 122 8.13 -31.43 4.37
N ALA B 123 8.41 -31.94 5.56
CA ALA B 123 9.80 -32.28 5.92
C ALA B 123 10.36 -33.42 5.09
N ALA B 124 9.51 -34.38 4.77
CA ALA B 124 9.93 -35.60 4.08
C ALA B 124 9.89 -35.44 2.57
N TYR B 125 8.93 -34.67 2.05
CA TYR B 125 8.67 -34.62 0.62
C TYR B 125 8.88 -33.26 0.00
N GLY B 126 9.01 -32.22 0.81
CA GLY B 126 9.01 -30.87 0.27
C GLY B 126 7.64 -30.51 -0.29
N ASP B 127 7.57 -29.37 -0.98
CA ASP B 127 6.26 -28.89 -1.41
C ASP B 127 6.06 -28.87 -2.92
N LYS B 128 6.93 -29.54 -3.66
CA LYS B 128 6.82 -29.47 -5.10
C LYS B 128 5.58 -30.17 -5.63
N GLY B 129 4.99 -31.06 -4.83
CA GLY B 129 3.79 -31.75 -5.28
C GLY B 129 2.50 -31.14 -4.78
N ILE B 130 2.57 -29.98 -4.12
CA ILE B 130 1.35 -29.33 -3.65
C ILE B 130 1.31 -27.86 -4.09
N ALA B 131 0.13 -27.27 -4.06
CA ALA B 131 -0.03 -25.88 -4.44
C ALA B 131 0.04 -24.95 -3.23
N GLY B 132 -0.24 -25.48 -2.04
CA GLY B 132 -0.31 -24.67 -0.85
C GLY B 132 -0.89 -25.47 0.29
N ALA B 133 -0.86 -24.93 1.50
CA ALA B 133 -1.46 -25.61 2.64
C ALA B 133 -2.09 -24.65 3.61
N VAL B 134 -3.19 -25.13 4.19
CA VAL B 134 -3.91 -24.42 5.23
C VAL B 134 -3.84 -25.23 6.50
N TYR B 135 -3.26 -24.66 7.55
CA TYR B 135 -3.27 -25.23 8.90
C TYR B 135 -4.47 -24.65 9.62
N VAL B 136 -5.46 -25.49 9.94
CA VAL B 136 -6.68 -25.05 10.61
C VAL B 136 -6.52 -25.43 12.07
N ASP B 137 -6.26 -24.45 12.93
CA ASP B 137 -5.99 -24.73 14.35
C ASP B 137 -4.94 -25.84 14.47
N GLY B 138 -3.93 -25.72 13.64
CA GLY B 138 -2.95 -26.78 13.51
C GLY B 138 -2.03 -26.91 14.70
N VAL B 139 -1.69 -28.13 15.03
CA VAL B 139 -0.52 -28.36 15.84
C VAL B 139 0.69 -27.88 15.07
N ILE B 140 1.51 -27.06 15.73
CA ILE B 140 2.78 -26.63 15.16
C ILE B 140 3.84 -27.49 15.84
N GLU B 141 4.07 -27.25 17.13
CA GLU B 141 4.81 -28.21 17.94
C GLU B 141 4.00 -28.68 19.16
N LEU B 142 4.29 -29.89 19.62
CA LEU B 142 3.63 -30.44 20.81
C LEU B 142 4.46 -30.03 22.02
N LYS B 143 4.31 -28.77 22.42
CA LYS B 143 5.05 -28.18 23.53
C LYS B 143 4.08 -27.46 24.44
N PRO B 144 4.40 -27.36 25.74
CA PRO B 144 3.48 -26.70 26.65
C PRO B 144 3.24 -25.23 26.30
N ASP B 145 4.17 -24.56 25.64
CA ASP B 145 3.92 -23.16 25.31
C ASP B 145 2.97 -23.01 24.11
N GLN B 146 2.60 -24.13 23.47
CA GLN B 146 1.72 -24.07 22.30
C GLN B 146 0.45 -24.93 22.40
N ILE B 147 0.35 -25.75 23.43
CA ILE B 147 -0.75 -26.67 23.62
C ILE B 147 -1.39 -26.39 24.97
N VAL B 148 -2.73 -26.29 24.99
CA VAL B 148 -3.42 -25.96 26.24
C VAL B 148 -3.37 -27.15 27.21
N ALA B 149 -3.06 -26.86 28.47
CA ALA B 149 -3.02 -27.89 29.49
C ALA B 149 -4.42 -28.37 29.84
N HIS B 150 -4.63 -29.68 29.77
CA HIS B 150 -5.84 -30.31 30.28
C HIS B 150 -5.46 -31.66 30.88
N PRO B 151 -4.73 -31.66 31.99
CA PRO B 151 -4.16 -32.94 32.43
C PRO B 151 -5.22 -33.98 32.81
N GLU B 152 -6.37 -33.58 33.32
CA GLU B 152 -7.40 -34.57 33.64
C GLU B 152 -8.03 -35.18 32.38
N VAL B 153 -8.35 -34.34 31.41
CA VAL B 153 -8.97 -34.81 30.17
C VAL B 153 -7.98 -35.72 29.42
N TYR B 154 -6.72 -35.30 29.32
CA TYR B 154 -5.73 -36.11 28.60
CA TYR B 154 -5.73 -36.08 28.59
C TYR B 154 -5.46 -37.42 29.31
N ARG B 155 -5.46 -37.38 30.64
CA ARG B 155 -5.34 -38.62 31.42
C ARG B 155 -6.55 -39.55 31.21
N ASP B 156 -7.74 -38.98 31.36
CA ASP B 156 -8.94 -39.81 31.34
C ASP B 156 -9.21 -40.40 29.98
N MET B 157 -8.93 -39.66 28.91
CA MET B 157 -9.29 -40.10 27.58
CA MET B 157 -9.34 -40.16 27.61
C MET B 157 -8.39 -41.27 27.13
N ILE B 158 -7.30 -41.56 27.87
CA ILE B 158 -6.48 -42.75 27.56
C ILE B 158 -6.49 -43.80 28.69
N ALA B 159 -7.42 -43.65 29.63
CA ALA B 159 -7.53 -44.53 30.79
C ALA B 159 -7.92 -45.96 30.40
N SER B 160 -7.55 -46.93 31.22
CA SER B 160 -7.95 -48.32 30.99
CA SER B 160 -7.96 -48.30 30.97
C SER B 160 -9.42 -48.55 31.35
N ASP B 161 -9.92 -47.83 32.35
CA ASP B 161 -11.32 -48.00 32.76
C ASP B 161 -12.26 -47.52 31.66
N LEU B 162 -13.27 -48.35 31.33
CA LEU B 162 -14.10 -48.07 30.15
C LEU B 162 -14.86 -46.73 30.30
N GLN B 163 -15.61 -46.54 31.39
CA GLN B 163 -16.40 -45.31 31.49
C GLN B 163 -15.49 -44.08 31.52
N THR B 164 -14.37 -44.19 32.23
CA THR B 164 -13.46 -43.05 32.34
C THR B 164 -12.94 -42.65 30.96
N HIS B 165 -12.58 -43.65 30.14
CA HIS B 165 -12.05 -43.42 28.81
C HIS B 165 -13.08 -42.73 27.94
N LEU B 166 -14.33 -43.20 28.00
CA LEU B 166 -15.38 -42.63 27.18
C LEU B 166 -15.71 -41.22 27.67
N ASP B 167 -15.80 -41.05 29.00
CA ASP B 167 -16.03 -39.72 29.54
C ASP B 167 -14.90 -38.75 29.14
N GLY B 168 -13.65 -39.23 29.11
CA GLY B 168 -12.52 -38.41 28.70
C GLY B 168 -12.65 -37.98 27.23
N GLU B 169 -13.04 -38.92 26.37
CA GLU B 169 -13.23 -38.59 24.96
C GLU B 169 -14.33 -37.56 24.81
N ARG B 170 -15.42 -37.69 25.56
CA ARG B 170 -16.51 -36.75 25.43
C ARG B 170 -16.08 -35.35 25.85
N ALA B 171 -15.32 -35.25 26.93
CA ALA B 171 -14.81 -33.97 27.40
C ALA B 171 -13.85 -33.34 26.35
N PHE B 172 -13.01 -34.17 25.73
CA PHE B 172 -12.10 -33.68 24.68
C PHE B 172 -12.90 -33.14 23.50
N LEU B 173 -13.93 -33.88 23.10
CA LEU B 173 -14.74 -33.41 21.97
C LEU B 173 -15.42 -32.08 22.33
N ARG B 174 -15.92 -31.92 23.56
CA ARG B 174 -16.49 -30.65 23.91
C ARG B 174 -15.46 -29.52 23.79
N LEU B 175 -14.20 -29.80 24.14
CA LEU B 175 -13.14 -28.79 24.04
C LEU B 175 -12.76 -28.46 22.61
N CYS B 176 -13.25 -29.23 21.64
CA CYS B 176 -13.01 -28.90 20.23
C CYS B 176 -13.80 -27.68 19.74
N PHE B 177 -14.75 -27.19 20.57
CA PHE B 177 -15.64 -26.10 20.14
C PHE B 177 -15.70 -24.98 21.15
N HIS B 178 -15.84 -23.75 20.66
CA HIS B 178 -16.27 -22.66 21.54
C HIS B 178 -17.79 -22.64 21.59
N ARG B 179 -18.42 -22.54 20.42
CA ARG B 179 -19.87 -22.72 20.32
C ARG B 179 -20.15 -24.16 19.94
N GLN B 180 -20.84 -24.88 20.82
CA GLN B 180 -21.11 -26.29 20.59
C GLN B 180 -22.02 -26.47 19.38
N PRO B 181 -21.77 -27.52 18.59
CA PRO B 181 -22.64 -27.81 17.45
C PRO B 181 -23.99 -28.33 17.90
N ASP B 182 -24.89 -28.53 16.95
CA ASP B 182 -26.20 -29.04 17.37
C ASP B 182 -26.01 -30.44 17.94
N ALA B 183 -27.01 -30.90 18.71
CA ALA B 183 -26.92 -32.16 19.44
C ALA B 183 -26.69 -33.34 18.53
N THR B 184 -27.33 -33.33 17.37
CA THR B 184 -27.20 -34.47 16.47
C THR B 184 -25.79 -34.55 15.90
N THR B 185 -25.25 -33.41 15.49
CA THR B 185 -23.87 -33.34 15.03
C THR B 185 -22.92 -33.78 16.11
N PHE B 186 -23.13 -33.32 17.34
CA PHE B 186 -22.27 -33.75 18.42
C PHE B 186 -22.34 -35.25 18.65
N SER B 187 -23.56 -35.80 18.67
CA SER B 187 -23.71 -37.23 18.85
C SER B 187 -23.00 -38.03 17.75
N LEU B 188 -23.10 -37.58 16.51
CA LEU B 188 -22.39 -38.23 15.42
C LEU B 188 -20.87 -38.20 15.65
N LEU B 189 -20.35 -37.04 15.99
CA LEU B 189 -18.89 -36.93 16.21
C LEU B 189 -18.44 -37.69 17.46
N LEU B 190 -19.32 -37.84 18.43
CA LEU B 190 -18.97 -38.55 19.64
C LEU B 190 -18.79 -40.05 19.37
N ALA B 191 -19.75 -40.63 18.66
CA ALA B 191 -19.63 -42.04 18.25
C ALA B 191 -18.41 -42.23 17.33
N ASN B 192 -18.22 -41.26 16.43
CA ASN B 192 -17.08 -41.26 15.54
C ASN B 192 -15.75 -41.30 16.33
N ALA B 193 -15.67 -40.51 17.38
CA ALA B 193 -14.47 -40.47 18.24
C ALA B 193 -14.24 -41.81 18.94
N ALA B 194 -15.32 -42.51 19.29
CA ALA B 194 -15.17 -43.78 19.98
C ALA B 194 -14.55 -44.87 19.10
N LEU B 195 -14.51 -44.63 17.79
CA LEU B 195 -13.81 -45.54 16.88
C LEU B 195 -12.30 -45.49 17.00
N ALA B 196 -11.78 -44.42 17.60
CA ALA B 196 -10.33 -44.22 17.61
C ALA B 196 -9.65 -45.32 18.41
N SER B 197 -8.54 -45.82 17.88
CA SER B 197 -7.75 -46.82 18.54
C SER B 197 -7.16 -46.35 19.86
N TRP B 198 -7.37 -47.14 20.92
CA TRP B 198 -6.78 -46.79 22.20
C TRP B 198 -5.24 -46.86 22.17
N ASP B 199 -4.69 -47.72 21.30
CA ASP B 199 -3.25 -47.80 21.11
C ASP B 199 -2.73 -46.52 20.48
N MET B 200 -3.44 -46.05 19.46
CA MET B 200 -3.10 -44.79 18.83
C MET B 200 -3.13 -43.66 19.86
N GLN B 201 -4.18 -43.64 20.67
CA GLN B 201 -4.34 -42.56 21.64
C GLN B 201 -3.18 -42.45 22.61
N ARG B 202 -2.66 -43.58 23.08
CA ARG B 202 -1.54 -43.55 24.02
C ARG B 202 -0.23 -43.14 23.36
N ALA B 203 -0.06 -43.49 22.10
CA ALA B 203 1.20 -43.27 21.43
C ALA B 203 1.29 -41.89 20.75
N VAL B 204 0.15 -41.32 20.35
CA VAL B 204 0.20 -40.16 19.47
C VAL B 204 0.78 -38.94 20.21
N ARG B 205 0.73 -38.97 21.53
CA ARG B 205 1.33 -37.94 22.40
C ARG B 205 2.80 -37.73 22.12
N SER B 206 3.44 -38.80 21.66
CA SER B 206 4.87 -38.85 21.46
C SER B 206 5.25 -38.81 19.98
N MET B 207 4.29 -38.52 19.11
CA MET B 207 4.55 -38.46 17.67
C MET B 207 5.59 -37.37 17.39
N THR B 208 6.61 -37.72 16.60
CA THR B 208 7.60 -36.70 16.21
C THR B 208 6.97 -35.74 15.22
N VAL B 209 7.35 -34.46 15.33
CA VAL B 209 6.80 -33.45 14.43
C VAL B 209 7.93 -32.57 13.95
N GLU B 210 8.23 -32.63 12.66
CA GLU B 210 9.33 -31.84 12.09
C GLU B 210 8.81 -30.50 11.56
N ALA B 211 8.21 -29.72 12.45
CA ALA B 211 7.67 -28.42 12.07
C ALA B 211 8.74 -27.49 11.55
N ALA B 212 9.87 -27.48 12.23
CA ALA B 212 10.91 -26.54 11.84
C ALA B 212 11.40 -26.84 10.43
N LYS B 213 11.73 -28.10 10.18
CA LYS B 213 12.20 -28.47 8.85
C LYS B 213 11.14 -28.24 7.79
N GLY B 214 9.93 -28.74 8.03
CA GLY B 214 8.88 -28.63 7.03
C GLY B 214 8.44 -27.20 6.72
N LEU B 215 8.19 -26.41 7.75
CA LEU B 215 7.73 -25.06 7.54
C LEU B 215 8.84 -24.15 7.05
N SER B 216 10.05 -24.31 7.57
CA SER B 216 11.09 -23.32 7.30
C SER B 216 11.47 -23.33 5.83
N LYS B 217 11.40 -24.50 5.19
CA LYS B 217 11.81 -24.61 3.81
C LYS B 217 10.66 -24.49 2.79
N ALA B 218 9.41 -24.41 3.24
CA ALA B 218 8.27 -24.31 2.32
C ALA B 218 8.27 -23.02 1.49
N GLU B 219 7.92 -23.12 0.20
CA GLU B 219 7.83 -21.96 -0.69
C GLU B 219 6.41 -21.70 -1.19
N VAL B 220 5.57 -22.74 -1.17
CA VAL B 220 4.18 -22.56 -1.52
C VAL B 220 3.50 -21.69 -0.47
N PRO B 221 2.34 -21.09 -0.80
CA PRO B 221 1.63 -20.30 0.21
C PRO B 221 1.15 -21.16 1.35
N LEU B 222 1.23 -20.58 2.54
CA LEU B 222 0.79 -21.19 3.77
C LEU B 222 -0.15 -20.24 4.50
N LEU B 223 -1.29 -20.76 4.93
CA LEU B 223 -2.26 -19.98 5.70
C LEU B 223 -2.55 -20.71 6.98
N LEU B 224 -2.41 -20.02 8.09
CA LEU B 224 -2.81 -20.52 9.39
C LEU B 224 -4.12 -19.87 9.80
N LEU B 225 -5.16 -20.68 9.96
CA LEU B 225 -6.48 -20.16 10.31
C LEU B 225 -6.87 -20.78 11.64
N TYR B 226 -7.01 -19.95 12.66
CA TYR B 226 -7.30 -20.40 14.03
C TYR B 226 -8.50 -19.70 14.62
N GLY B 227 -9.29 -20.43 15.41
CA GLY B 227 -10.23 -19.77 16.32
C GLY B 227 -9.46 -19.17 17.50
N ALA B 228 -9.73 -17.90 17.79
CA ALA B 228 -9.01 -17.22 18.86
C ALA B 228 -9.29 -17.87 20.24
N GLN B 229 -10.41 -18.57 20.37
CA GLN B 229 -10.85 -19.19 21.61
CA GLN B 229 -10.72 -19.16 21.67
C GLN B 229 -10.45 -20.66 21.71
N ASP B 230 -9.59 -21.12 20.82
CA ASP B 230 -9.24 -22.54 20.74
C ASP B 230 -8.82 -23.04 22.12
N ALA B 231 -9.53 -24.03 22.63
CA ALA B 231 -9.27 -24.54 23.98
C ALA B 231 -8.30 -25.72 24.02
N LEU B 232 -7.73 -26.09 22.87
CA LEU B 232 -6.83 -27.25 22.82
C LEU B 232 -5.45 -26.89 22.33
N VAL B 233 -5.37 -26.05 21.28
CA VAL B 233 -4.10 -25.56 20.75
C VAL B 233 -4.10 -24.06 21.09
N LYS B 234 -2.98 -23.56 21.64
CA LYS B 234 -2.86 -22.14 21.95
C LYS B 234 -2.67 -21.38 20.66
N ALA B 235 -3.66 -20.60 20.25
CA ALA B 235 -3.67 -20.05 18.89
C ALA B 235 -2.55 -19.05 18.66
N LYS B 236 -2.46 -17.99 19.47
CA LYS B 236 -1.44 -16.99 19.17
C LYS B 236 -0.01 -17.52 19.34
N PRO B 237 0.29 -18.29 20.41
CA PRO B 237 1.65 -18.85 20.49
C PRO B 237 1.99 -19.82 19.35
N SER B 238 1.04 -20.60 18.90
CA SER B 238 1.29 -21.49 17.77
C SER B 238 1.54 -20.71 16.47
N ILE B 239 0.69 -19.72 16.20
CA ILE B 239 0.89 -18.87 15.04
C ILE B 239 2.24 -18.16 15.14
N ALA B 240 2.58 -17.65 16.32
CA ALA B 240 3.84 -16.91 16.48
C ALA B 240 5.03 -17.84 16.20
N ARG B 241 4.98 -19.06 16.73
CA ARG B 241 6.09 -19.98 16.48
C ARG B 241 6.18 -20.29 14.99
N ALA B 242 5.04 -20.57 14.36
CA ALA B 242 5.05 -20.85 12.92
C ALA B 242 5.63 -19.68 12.12
N LYS B 243 5.21 -18.46 12.42
CA LYS B 243 5.74 -17.31 11.68
C LYS B 243 7.21 -17.04 11.98
N SER B 244 7.66 -17.40 13.19
CA SER B 244 9.09 -17.33 13.47
CA SER B 244 9.09 -17.31 13.45
C SER B 244 9.86 -18.31 12.58
N LEU B 245 9.31 -19.52 12.41
CA LEU B 245 9.94 -20.54 11.55
C LEU B 245 9.89 -20.15 10.08
N ASN B 246 8.80 -19.51 9.66
CA ASN B 246 8.64 -19.09 8.28
C ASN B 246 7.84 -17.79 8.25
N PRO B 247 8.55 -16.66 8.13
CA PRO B 247 7.92 -15.34 8.25
C PRO B 247 6.93 -15.04 7.12
N ARG B 248 6.86 -15.89 6.10
CA ARG B 248 5.97 -15.66 4.98
C ARG B 248 4.60 -16.29 5.18
N ILE B 249 4.47 -17.04 6.27
CA ILE B 249 3.17 -17.61 6.63
C ILE B 249 2.18 -16.48 6.89
N ARG B 250 0.97 -16.62 6.34
CA ARG B 250 -0.11 -15.69 6.66
C ARG B 250 -1.07 -16.32 7.65
N SER B 251 -1.73 -15.52 8.47
CA SER B 251 -2.68 -16.07 9.43
C SER B 251 -3.97 -15.29 9.46
N GLU B 252 -5.00 -15.97 9.89
CA GLU B 252 -6.31 -15.37 10.18
C GLU B 252 -6.77 -15.91 11.53
N LEU B 253 -7.29 -15.02 12.36
CA LEU B 253 -7.85 -15.40 13.65
CA LEU B 253 -7.83 -15.39 13.64
C LEU B 253 -9.34 -15.13 13.63
N TYR B 254 -10.14 -16.15 13.90
CA TYR B 254 -11.58 -15.97 14.02
C TYR B 254 -11.87 -15.67 15.48
N ALA B 255 -12.29 -14.44 15.77
CA ALA B 255 -12.42 -13.99 17.16
C ALA B 255 -13.32 -14.90 18.01
N ASP B 256 -14.39 -15.40 17.40
CA ASP B 256 -15.43 -16.05 18.18
C ASP B 256 -15.53 -17.56 17.92
N SER B 257 -14.51 -18.12 17.28
CA SER B 257 -14.44 -19.57 17.09
C SER B 257 -13.46 -20.20 18.05
N GLY B 258 -13.69 -21.48 18.35
CA GLY B 258 -12.75 -22.27 19.11
C GLY B 258 -11.91 -23.11 18.16
N HIS B 259 -11.66 -24.35 18.56
CA HIS B 259 -10.74 -25.24 17.86
C HIS B 259 -11.22 -25.72 16.50
N ALA B 260 -12.52 -25.59 16.20
CA ALA B 260 -13.08 -26.12 14.93
C ALA B 260 -13.82 -25.07 14.10
N PRO B 261 -13.12 -24.05 13.63
CA PRO B 261 -13.82 -22.97 12.91
C PRO B 261 -14.52 -23.41 11.61
N PHE B 262 -14.06 -24.52 11.04
CA PHE B 262 -14.67 -25.06 9.82
C PHE B 262 -16.09 -25.56 10.12
N LEU B 263 -16.35 -25.91 11.38
CA LEU B 263 -17.71 -26.27 11.83
C LEU B 263 -18.43 -25.12 12.51
N GLU B 264 -17.71 -24.25 13.22
CA GLU B 264 -18.34 -23.17 13.99
C GLU B 264 -18.72 -21.97 13.12
N GLU B 265 -17.93 -21.70 12.08
CA GLU B 265 -18.17 -20.59 11.15
C GLU B 265 -17.94 -21.10 9.73
N PRO B 266 -18.78 -22.05 9.30
CA PRO B 266 -18.49 -22.72 8.04
C PRO B 266 -18.58 -21.85 6.78
N GLU B 267 -19.53 -20.92 6.70
CA GLU B 267 -19.63 -20.06 5.52
C GLU B 267 -18.37 -19.23 5.36
N ARG B 268 -17.92 -18.65 6.48
CA ARG B 268 -16.73 -17.84 6.51
C ARG B 268 -15.51 -18.68 6.17
N PHE B 269 -15.40 -19.85 6.80
CA PHE B 269 -14.29 -20.73 6.51
C PHE B 269 -14.26 -21.17 5.05
N ASN B 270 -15.42 -21.52 4.49
CA ASN B 270 -15.46 -21.99 3.12
C ASN B 270 -15.05 -20.86 2.16
N ARG B 271 -15.43 -19.62 2.46
CA ARG B 271 -15.05 -18.51 1.60
C ARG B 271 -13.53 -18.28 1.68
N ASP B 272 -13.00 -18.34 2.89
CA ASP B 272 -11.57 -18.12 3.07
C ASP B 272 -10.77 -19.24 2.41
N LEU B 273 -11.25 -20.47 2.54
CA LEU B 273 -10.60 -21.59 1.88
C LEU B 273 -10.63 -21.45 0.35
N SER B 274 -11.79 -21.15 -0.23
CA SER B 274 -11.89 -20.95 -1.67
CA SER B 274 -11.83 -21.02 -1.68
C SER B 274 -10.95 -19.84 -2.15
N ASP B 275 -10.92 -18.73 -1.40
CA ASP B 275 -10.04 -17.60 -1.73
C ASP B 275 -8.59 -18.07 -1.77
N PHE B 276 -8.21 -18.83 -0.74
CA PHE B 276 -6.85 -19.32 -0.66
C PHE B 276 -6.53 -20.22 -1.85
N VAL B 277 -7.44 -21.12 -2.18
CA VAL B 277 -7.18 -22.09 -3.25
C VAL B 277 -7.01 -21.32 -4.56
N ARG B 278 -7.87 -20.34 -4.83
CA ARG B 278 -7.74 -19.58 -6.09
C ARG B 278 -6.38 -18.87 -6.13
N MET B 279 -5.99 -18.29 -5.00
CA MET B 279 -4.73 -17.57 -4.94
C MET B 279 -3.56 -18.52 -5.20
N ALA B 280 -3.60 -19.69 -4.56
CA ALA B 280 -2.50 -20.63 -4.70
C ALA B 280 -2.41 -21.13 -6.13
N LEU B 281 -3.56 -21.33 -6.78
CA LEU B 281 -3.56 -21.88 -8.13
C LEU B 281 -3.18 -20.84 -9.17
N SER B 282 -3.15 -19.58 -8.76
CA SER B 282 -2.84 -18.47 -9.68
C SER B 282 -1.37 -18.12 -9.69
N ARG B 283 -0.64 -18.61 -8.69
CA ARG B 283 0.77 -18.26 -8.52
C ARG B 283 1.61 -18.96 -9.58
N ALA C 11 37.33 34.50 23.00
CA ALA C 11 37.08 33.85 21.72
C ALA C 11 38.37 33.32 21.11
N ARG C 12 38.26 32.26 20.31
CA ARG C 12 39.40 31.66 19.67
C ARG C 12 39.20 31.61 18.16
N ASP C 13 40.32 31.48 17.46
CA ASP C 13 40.36 31.49 16.01
C ASP C 13 41.39 30.44 15.60
N TYR C 14 41.02 29.48 14.75
CA TYR C 14 41.95 28.45 14.29
C TYR C 14 41.45 27.83 12.99
N THR C 15 42.08 26.76 12.55
CA THR C 15 41.65 26.10 11.33
C THR C 15 41.36 24.63 11.59
N VAL C 16 40.55 24.07 10.71
CA VAL C 16 40.29 22.65 10.66
C VAL C 16 40.39 22.23 9.20
N THR C 17 41.11 21.15 8.95
CA THR C 17 41.35 20.65 7.59
C THR C 17 40.39 19.55 7.16
N ALA C 18 39.70 19.77 6.06
CA ALA C 18 38.78 18.79 5.51
C ALA C 18 39.59 17.70 4.81
N PRO C 19 39.00 16.50 4.65
CA PRO C 19 39.80 15.39 4.10
C PRO C 19 40.19 15.57 2.64
N ASP C 20 39.56 16.48 1.91
CA ASP C 20 40.00 16.79 0.56
C ASP C 20 40.98 17.97 0.53
N GLY C 21 41.39 18.46 1.70
CA GLY C 21 42.47 19.46 1.78
C GLY C 21 42.05 20.90 1.80
N VAL C 22 40.75 21.14 1.79
CA VAL C 22 40.26 22.49 2.01
C VAL C 22 40.47 22.84 3.46
N VAL C 23 41.18 23.93 3.73
CA VAL C 23 41.41 24.33 5.11
C VAL C 23 40.35 25.33 5.52
N LEU C 24 39.60 25.00 6.58
CA LEU C 24 38.45 25.78 7.02
C LEU C 24 38.85 26.74 8.13
N ALA C 25 38.34 27.97 8.05
CA ALA C 25 38.53 28.96 9.10
C ALA C 25 37.43 28.77 10.16
N VAL C 26 37.83 28.46 11.38
CA VAL C 26 36.91 28.12 12.47
C VAL C 26 37.10 29.10 13.62
N GLN C 27 36.01 29.41 14.32
CA GLN C 27 36.05 30.30 15.45
C GLN C 27 35.25 29.70 16.58
N GLU C 28 35.55 30.12 17.80
CA GLU C 28 34.64 29.78 18.87
C GLU C 28 34.59 30.88 19.91
N ALA C 29 33.45 30.92 20.60
CA ALA C 29 33.15 31.95 21.59
C ALA C 29 32.31 31.30 22.68
N GLY C 30 31.78 32.11 23.59
CA GLY C 30 31.00 31.59 24.70
C GLY C 30 31.90 30.85 25.68
N ASP C 31 31.34 29.84 26.33
CA ASP C 31 32.04 29.10 27.36
C ASP C 31 32.64 27.85 26.74
N PRO C 32 33.98 27.75 26.70
CA PRO C 32 34.60 26.57 26.09
C PRO C 32 34.24 25.28 26.81
N GLU C 33 33.70 25.37 28.03
CA GLU C 33 33.31 24.19 28.79
C GLU C 33 31.80 23.90 28.69
N GLY C 34 31.09 24.73 27.94
CA GLY C 34 29.63 24.58 27.80
C GLY C 34 29.25 23.60 26.72
N SER C 35 27.97 23.25 26.62
CA SER C 35 27.56 22.31 25.58
CA SER C 35 27.53 22.33 25.59
C SER C 35 27.72 23.01 24.23
N PRO C 36 28.20 22.27 23.22
CA PRO C 36 28.52 22.91 21.94
C PRO C 36 27.32 23.13 21.02
N ILE C 37 27.36 24.28 20.35
CA ILE C 37 26.47 24.60 19.24
C ILE C 37 27.34 24.93 18.05
N ILE C 38 27.07 24.33 16.89
CA ILE C 38 27.85 24.62 15.70
C ILE C 38 26.94 25.31 14.70
N PHE C 39 27.30 26.55 14.33
CA PHE C 39 26.53 27.36 13.41
C PHE C 39 27.12 27.21 12.02
N ILE C 40 26.24 27.01 11.04
CA ILE C 40 26.59 26.81 9.65
C ILE C 40 25.88 27.87 8.82
N HIS C 41 26.63 28.80 8.23
CA HIS C 41 26.00 29.90 7.51
C HIS C 41 25.55 29.49 6.10
N GLY C 42 25.04 30.45 5.36
CA GLY C 42 24.47 30.21 4.04
C GLY C 42 25.27 30.84 2.90
N LEU C 43 24.70 30.75 1.71
CA LEU C 43 25.37 31.26 0.52
C LEU C 43 25.72 32.74 0.65
N LEU C 44 26.98 33.05 0.33
CA LEU C 44 27.57 34.40 0.35
C LEU C 44 27.77 34.91 1.77
N GLY C 45 27.60 34.06 2.77
CA GLY C 45 27.83 34.45 4.16
C GLY C 45 29.22 34.14 4.69
N SER C 46 29.37 34.24 6.01
CA SER C 46 30.55 33.76 6.68
C SER C 46 30.19 33.65 8.15
N ARG C 47 31.17 33.40 9.00
CA ARG C 47 30.89 33.40 10.44
C ARG C 47 30.29 34.72 10.90
N LEU C 48 30.53 35.82 10.18
CA LEU C 48 30.01 37.12 10.63
C LEU C 48 28.48 37.18 10.65
N ASN C 49 27.82 36.28 9.91
CA ASN C 49 26.37 36.28 9.99
C ASN C 49 25.79 36.06 11.37
N TRP C 50 26.56 35.38 12.23
CA TRP C 50 26.04 34.96 13.54
C TRP C 50 26.33 35.93 14.69
N SER C 51 26.76 37.15 14.38
CA SER C 51 27.15 38.11 15.42
C SER C 51 26.12 38.28 16.54
N LYS C 52 24.82 38.33 16.21
CA LYS C 52 23.81 38.64 17.24
C LYS C 52 23.56 37.45 18.13
N GLN C 53 24.01 36.26 17.70
CA GLN C 53 23.98 35.08 18.55
C GLN C 53 25.19 35.05 19.47
N LEU C 54 26.37 35.29 18.89
CA LEU C 54 27.61 35.28 19.66
C LEU C 54 27.64 36.32 20.73
N GLN C 55 26.95 37.44 20.49
CA GLN C 55 26.97 38.57 21.43
CA GLN C 55 26.96 38.58 21.42
C GLN C 55 25.93 38.44 22.54
N ASP C 56 25.12 37.39 22.51
CA ASP C 56 24.02 37.20 23.44
CA ASP C 56 24.03 37.26 23.46
C ASP C 56 24.46 36.56 24.76
N PRO C 57 24.27 37.26 25.89
CA PRO C 57 24.69 36.69 27.18
C PRO C 57 24.12 35.29 27.46
N ARG C 58 22.87 35.01 27.11
CA ARG C 58 22.31 33.70 27.45
C ARG C 58 22.95 32.58 26.62
N LEU C 59 23.26 32.84 25.35
CA LEU C 59 23.89 31.81 24.54
C LEU C 59 25.36 31.63 24.91
N GLN C 60 25.94 32.64 25.56
CA GLN C 60 27.36 32.59 25.90
C GLN C 60 27.65 31.56 26.97
N HIS C 61 26.62 30.92 27.52
CA HIS C 61 26.77 29.79 28.43
CA HIS C 61 26.96 29.84 28.45
C HIS C 61 27.13 28.52 27.67
N TYR C 62 26.95 28.57 26.35
CA TYR C 62 27.24 27.42 25.50
C TYR C 62 28.60 27.61 24.83
N ARG C 63 29.15 26.52 24.27
CA ARG C 63 30.35 26.61 23.44
C ARG C 63 29.92 26.92 22.01
N LEU C 64 30.18 28.14 21.56
CA LEU C 64 29.61 28.65 20.33
C LEU C 64 30.64 28.55 19.20
N ILE C 65 30.49 27.54 18.37
CA ILE C 65 31.41 27.26 17.28
C ILE C 65 30.82 27.75 15.95
N THR C 66 31.63 28.53 15.24
CA THR C 66 31.27 28.99 13.91
C THR C 66 32.40 28.62 12.94
N TYR C 67 32.11 28.66 11.65
CA TYR C 67 33.15 28.49 10.64
C TYR C 67 32.70 29.07 9.33
N ASP C 68 33.67 29.29 8.44
CA ASP C 68 33.36 29.70 7.09
C ASP C 68 33.23 28.48 6.19
N LEU C 69 32.12 28.40 5.46
CA LEU C 69 31.95 27.32 4.48
C LEU C 69 33.09 27.32 3.47
N ARG C 70 33.39 26.16 2.89
CA ARG C 70 34.30 26.14 1.76
C ARG C 70 33.81 27.18 0.73
N GLY C 71 34.78 27.82 0.06
CA GLY C 71 34.42 28.85 -0.89
C GLY C 71 34.05 30.21 -0.31
N HIS C 72 34.03 30.34 1.02
CA HIS C 72 33.51 31.54 1.67
C HIS C 72 34.52 32.12 2.65
N GLY C 73 34.39 33.41 2.95
CA GLY C 73 35.12 34.00 4.06
C GLY C 73 36.61 33.79 3.94
N LEU C 74 37.20 33.22 5.00
CA LEU C 74 38.63 32.93 4.97
C LEU C 74 38.93 31.45 4.85
N SER C 75 37.94 30.64 4.48
CA SER C 75 38.19 29.23 4.18
C SER C 75 38.80 29.05 2.78
N GLY C 76 39.31 27.85 2.52
CA GLY C 76 39.85 27.52 1.20
C GLY C 76 38.82 27.69 0.11
N LYS C 77 39.31 28.06 -1.07
CA LYS C 77 38.47 28.36 -2.23
CA LYS C 77 38.47 28.36 -2.23
C LYS C 77 38.98 27.65 -3.48
N PRO C 78 38.89 26.33 -3.51
CA PRO C 78 39.34 25.61 -4.71
C PRO C 78 38.55 26.02 -5.96
N ALA C 79 39.16 25.82 -7.12
CA ALA C 79 38.53 26.19 -8.39
C ALA C 79 37.67 25.07 -8.97
N GLU C 80 37.98 23.83 -8.64
CA GLU C 80 37.35 22.70 -9.30
C GLU C 80 35.87 22.59 -8.93
N ALA C 81 35.00 22.37 -9.93
CA ALA C 81 33.57 22.31 -9.63
C ALA C 81 33.24 21.19 -8.67
N SER C 82 33.93 20.04 -8.79
CA SER C 82 33.64 18.90 -7.93
C SER C 82 33.87 19.19 -6.45
N SER C 83 34.69 20.21 -6.15
CA SER C 83 34.88 20.60 -4.76
C SER C 83 33.59 21.10 -4.15
N TYR C 84 32.64 21.51 -4.99
CA TYR C 84 31.40 22.07 -4.49
C TYR C 84 30.18 21.27 -4.86
N THR C 85 30.22 20.56 -6.00
CA THR C 85 29.01 19.83 -6.41
C THR C 85 28.72 18.60 -5.56
N ASP C 86 29.77 18.02 -5.00
CA ASP C 86 29.61 16.81 -4.19
C ASP C 86 29.17 17.21 -2.79
N GLY C 87 27.88 16.99 -2.49
CA GLY C 87 27.35 17.38 -1.20
C GLY C 87 28.10 16.74 -0.05
N ARG C 88 28.68 15.56 -0.28
CA ARG C 88 29.49 14.87 0.74
C ARG C 88 30.67 15.70 1.23
N ARG C 89 31.26 16.49 0.34
CA ARG C 89 32.42 17.28 0.73
C ARG C 89 32.04 18.28 1.81
N TRP C 90 30.86 18.88 1.69
CA TRP C 90 30.39 19.84 2.69
C TRP C 90 30.04 19.14 4.00
N ALA C 91 29.44 17.95 3.88
CA ALA C 91 29.16 17.14 5.08
C ALA C 91 30.46 16.79 5.80
N ASP C 92 31.50 16.49 5.02
CA ASP C 92 32.79 16.10 5.59
C ASP C 92 33.49 17.30 6.25
N ASP C 93 33.27 18.49 5.71
CA ASP C 93 33.77 19.71 6.37
C ASP C 93 33.22 19.77 7.79
N LEU C 94 31.91 19.60 7.89
CA LEU C 94 31.23 19.65 9.18
C LEU C 94 31.70 18.54 10.10
N ALA C 95 31.78 17.31 9.56
CA ALA C 95 32.24 16.19 10.36
C ALA C 95 33.66 16.42 10.87
N ALA C 96 34.52 17.00 10.03
CA ALA C 96 35.90 17.28 10.46
C ALA C 96 35.93 18.27 11.61
N ILE C 97 35.05 19.28 11.56
CA ILE C 97 34.98 20.25 12.63
C ILE C 97 34.45 19.62 13.92
N ILE C 98 33.41 18.79 13.82
CA ILE C 98 32.92 18.08 14.98
C ILE C 98 34.03 17.25 15.65
N GLU C 99 34.80 16.54 14.83
CA GLU C 99 35.87 15.70 15.37
C GLU C 99 37.00 16.54 15.96
N SER C 100 37.43 17.55 15.24
CA SER C 100 38.58 18.35 15.67
CA SER C 100 38.59 18.35 15.66
C SER C 100 38.32 19.12 16.96
N THR C 101 37.11 19.65 17.10
CA THR C 101 36.74 20.41 18.29
C THR C 101 36.42 19.50 19.47
N HIS C 102 36.31 18.21 19.19
CA HIS C 102 35.87 17.21 20.15
C HIS C 102 34.51 17.58 20.74
N ALA C 103 33.70 18.24 19.94
CA ALA C 103 32.33 18.56 20.32
C ALA C 103 31.52 17.29 20.53
N ARG C 104 31.02 17.09 21.75
CA ARG C 104 30.20 15.94 22.09
C ARG C 104 28.72 16.32 21.96
N LYS C 105 28.01 15.60 21.09
CA LYS C 105 26.60 15.85 20.85
C LYS C 105 26.28 17.33 20.65
N PRO C 106 26.93 17.97 19.66
CA PRO C 106 26.57 19.37 19.41
C PRO C 106 25.17 19.48 18.85
N VAL C 107 24.56 20.66 19.04
CA VAL C 107 23.41 21.05 18.28
C VAL C 107 23.90 21.77 17.04
N LEU C 108 23.35 21.43 15.88
CA LEU C 108 23.69 22.07 14.61
C LEU C 108 22.66 23.11 14.29
N VAL C 109 23.10 24.27 13.83
CA VAL C 109 22.21 25.34 13.40
C VAL C 109 22.60 25.73 12.00
N GLY C 110 21.76 25.46 11.02
CA GLY C 110 22.13 25.68 9.63
C GLY C 110 21.21 26.66 8.94
N TRP C 111 21.78 27.74 8.41
CA TRP C 111 21.04 28.78 7.70
C TRP C 111 21.10 28.54 6.20
N SER C 112 19.94 28.30 5.58
CA SER C 112 19.80 28.28 4.14
C SER C 112 20.69 27.16 3.51
N LEU C 113 21.74 27.49 2.74
CA LEU C 113 22.66 26.47 2.26
C LEU C 113 23.15 25.58 3.43
N GLY C 114 23.34 26.17 4.61
CA GLY C 114 23.74 25.38 5.76
C GLY C 114 22.75 24.27 6.15
N GLY C 115 21.47 24.45 5.83
CA GLY C 115 20.47 23.39 6.03
C GLY C 115 20.78 22.20 5.11
N ALA C 116 21.19 22.48 3.87
CA ALA C 116 21.57 21.40 2.95
C ALA C 116 22.84 20.69 3.44
N VAL C 117 23.75 21.45 4.06
CA VAL C 117 24.91 20.82 4.66
C VAL C 117 24.45 19.82 5.75
N ILE C 118 23.51 20.24 6.60
CA ILE C 118 23.04 19.37 7.67
C ILE C 118 22.39 18.13 7.06
N SER C 119 21.58 18.30 6.02
CA SER C 119 20.92 17.13 5.40
C SER C 119 21.95 16.14 4.89
N ASN C 120 22.99 16.66 4.24
CA ASN C 120 24.03 15.81 3.66
C ASN C 120 24.83 15.14 4.78
N TYR C 121 25.05 15.86 5.88
CA TYR C 121 25.71 15.26 7.03
C TYR C 121 24.86 14.12 7.59
N LEU C 122 23.57 14.38 7.73
CA LEU C 122 22.64 13.33 8.24
C LEU C 122 22.65 12.12 7.30
N ALA C 123 22.62 12.37 5.99
CA ALA C 123 22.59 11.28 5.04
C ALA C 123 23.86 10.45 5.11
N ALA C 124 24.99 11.11 5.29
CA ALA C 124 26.27 10.44 5.25
C ALA C 124 26.59 9.73 6.57
N TYR C 125 26.26 10.38 7.68
CA TYR C 125 26.78 9.95 8.98
C TYR C 125 25.69 9.55 9.96
N GLY C 126 24.43 9.87 9.65
CA GLY C 126 23.36 9.69 10.60
C GLY C 126 23.49 10.72 11.71
N ASP C 127 22.67 10.60 12.75
CA ASP C 127 22.63 11.64 13.79
C ASP C 127 23.14 11.20 15.17
N LYS C 128 23.80 10.05 15.26
CA LYS C 128 24.23 9.57 16.57
C LYS C 128 25.31 10.47 17.18
N GLY C 129 25.97 11.29 16.37
CA GLY C 129 26.99 12.19 16.86
C GLY C 129 26.52 13.61 17.13
N ILE C 130 25.21 13.87 17.01
CA ILE C 130 24.68 15.19 17.35
C ILE C 130 23.50 15.07 18.31
N ALA C 131 23.10 16.20 18.86
CA ALA C 131 21.97 16.24 19.79
C ALA C 131 20.66 16.68 19.15
N GLY C 132 20.75 17.33 17.99
CA GLY C 132 19.59 17.92 17.36
C GLY C 132 20.02 18.90 16.29
N ALA C 133 19.08 19.38 15.49
CA ALA C 133 19.44 20.37 14.49
C ALA C 133 18.32 21.36 14.29
N VAL C 134 18.72 22.62 14.07
CA VAL C 134 17.81 23.70 13.75
C VAL C 134 18.11 24.13 12.31
N TYR C 135 17.10 23.99 11.45
CA TYR C 135 17.16 24.52 10.09
C TYR C 135 16.59 25.93 10.12
N VAL C 136 17.42 26.93 9.85
CA VAL C 136 16.97 28.31 9.84
C VAL C 136 16.81 28.77 8.41
N ASP C 137 15.58 28.88 7.94
CA ASP C 137 15.32 29.15 6.53
C ASP C 137 16.16 28.23 5.66
N GLY C 138 16.19 26.96 6.05
CA GLY C 138 17.09 26.05 5.39
C GLY C 138 16.62 25.64 4.02
N VAL C 139 17.59 25.42 3.15
CA VAL C 139 17.30 24.65 1.95
C VAL C 139 16.92 23.25 2.35
N ILE C 140 15.79 22.76 1.83
CA ILE C 140 15.40 21.39 2.01
C ILE C 140 15.83 20.69 0.72
N GLU C 141 15.16 21.01 -0.38
CA GLU C 141 15.66 20.61 -1.71
C GLU C 141 15.79 21.81 -2.62
N LEU C 142 16.76 21.76 -3.55
CA LEU C 142 16.96 22.84 -4.51
C LEU C 142 16.08 22.57 -5.69
N LYS C 143 14.79 22.86 -5.54
CA LYS C 143 13.81 22.55 -6.59
C LYS C 143 12.90 23.77 -6.74
N PRO C 144 12.34 23.98 -7.93
CA PRO C 144 11.51 25.18 -8.15
C PRO C 144 10.30 25.27 -7.22
N ASP C 145 9.77 24.13 -6.75
CA ASP C 145 8.65 24.21 -5.83
C ASP C 145 9.05 24.70 -4.43
N GLN C 146 10.35 24.83 -4.18
CA GLN C 146 10.81 25.18 -2.84
C GLN C 146 11.72 26.41 -2.81
N ILE C 147 12.10 26.94 -3.98
CA ILE C 147 13.07 28.01 -4.07
C ILE C 147 12.43 29.14 -4.87
N VAL C 148 12.56 30.37 -4.38
CA VAL C 148 11.91 31.51 -5.06
C VAL C 148 12.66 31.85 -6.35
N ALA C 149 11.92 32.13 -7.42
CA ALA C 149 12.55 32.48 -8.69
C ALA C 149 13.01 33.95 -8.71
N HIS C 150 14.27 34.17 -9.06
CA HIS C 150 14.82 35.50 -9.27
C HIS C 150 15.83 35.40 -10.40
N PRO C 151 15.35 35.16 -11.64
CA PRO C 151 16.30 34.84 -12.72
C PRO C 151 17.32 35.95 -12.99
N GLU C 152 16.93 37.21 -12.86
CA GLU C 152 17.87 38.29 -13.10
C GLU C 152 18.94 38.36 -12.01
N VAL C 153 18.54 38.31 -10.76
CA VAL C 153 19.54 38.33 -9.69
C VAL C 153 20.45 37.11 -9.77
N TYR C 154 19.86 35.93 -10.00
CA TYR C 154 20.69 34.73 -10.01
C TYR C 154 21.66 34.73 -11.19
N ARG C 155 21.22 35.20 -12.38
CA ARG C 155 22.14 35.33 -13.52
C ARG C 155 23.22 36.37 -13.26
N ASP C 156 22.82 37.50 -12.71
CA ASP C 156 23.75 38.60 -12.56
C ASP C 156 24.81 38.30 -11.51
N MET C 157 24.43 37.63 -10.41
CA MET C 157 25.38 37.46 -9.30
CA MET C 157 25.36 37.44 -9.31
C MET C 157 26.48 36.46 -9.62
N ILE C 158 26.36 35.73 -10.75
CA ILE C 158 27.46 34.86 -11.21
C ILE C 158 28.02 35.33 -12.57
N ALA C 159 27.66 36.54 -12.99
CA ALA C 159 28.11 37.07 -14.30
C ALA C 159 29.61 37.23 -14.37
N SER C 160 30.15 37.18 -15.58
CA SER C 160 31.58 37.41 -15.77
C SER C 160 31.90 38.91 -15.66
N ASP C 161 30.96 39.76 -16.07
CA ASP C 161 31.15 41.21 -15.99
C ASP C 161 31.25 41.64 -14.54
N LEU C 162 32.29 42.42 -14.19
CA LEU C 162 32.56 42.72 -12.78
C LEU C 162 31.42 43.50 -12.11
N GLN C 163 30.99 44.60 -12.72
CA GLN C 163 29.92 45.39 -12.10
C GLN C 163 28.64 44.57 -12.00
N THR C 164 28.31 43.82 -13.05
CA THR C 164 27.08 43.03 -13.00
C THR C 164 27.14 42.01 -11.86
N HIS C 165 28.29 41.36 -11.69
CA HIS C 165 28.47 40.37 -10.63
C HIS C 165 28.29 41.01 -9.26
N LEU C 166 28.92 42.17 -9.05
CA LEU C 166 28.81 42.81 -7.74
C LEU C 166 27.39 43.34 -7.48
N ASP C 167 26.78 43.93 -8.52
CA ASP C 167 25.39 44.40 -8.39
C ASP C 167 24.44 43.22 -8.08
N GLY C 168 24.69 42.08 -8.71
CA GLY C 168 23.88 40.91 -8.46
C GLY C 168 24.05 40.40 -7.04
N GLU C 169 25.28 40.38 -6.53
CA GLU C 169 25.48 39.97 -5.15
C GLU C 169 24.77 40.92 -4.20
N ARG C 170 24.79 42.23 -4.51
CA ARG C 170 24.16 43.19 -3.62
C ARG C 170 22.64 42.95 -3.61
N ALA C 171 22.06 42.70 -4.77
CA ALA C 171 20.62 42.43 -4.84
C ALA C 171 20.27 41.13 -4.11
N PHE C 172 21.13 40.11 -4.21
CA PHE C 172 20.92 38.86 -3.48
C PHE C 172 20.96 39.12 -1.97
N LEU C 173 21.91 39.93 -1.50
CA LEU C 173 22.00 40.18 -0.07
C LEU C 173 20.77 40.94 0.41
N ARG C 174 20.26 41.87 -0.40
CA ARG C 174 19.00 42.55 -0.05
C ARG C 174 17.86 41.53 0.10
N LEU C 175 17.82 40.53 -0.78
CA LEU C 175 16.78 39.50 -0.71
C LEU C 175 16.95 38.59 0.50
N CYS C 176 18.06 38.70 1.23
CA CYS C 176 18.21 37.93 2.47
C CYS C 176 17.39 38.45 3.65
N PHE C 177 16.78 39.62 3.49
CA PHE C 177 16.06 40.27 4.58
C PHE C 177 14.70 40.76 4.14
N HIS C 178 13.74 40.70 5.06
CA HIS C 178 12.52 41.48 4.90
C HIS C 178 12.74 42.88 5.47
N ARG C 179 13.13 42.93 6.73
CA ARG C 179 13.56 44.17 7.37
C ARG C 179 15.06 44.28 7.17
N GLN C 180 15.49 45.27 6.37
CA GLN C 180 16.90 45.46 6.09
C GLN C 180 17.63 45.81 7.38
N PRO C 181 18.83 45.26 7.54
CA PRO C 181 19.67 45.59 8.70
C PRO C 181 20.17 47.03 8.65
N ASP C 182 20.77 47.47 9.74
CA ASP C 182 21.33 48.81 9.74
C ASP C 182 22.41 48.90 8.66
N ALA C 183 22.66 50.12 8.18
CA ALA C 183 23.54 50.32 7.04
C ALA C 183 24.93 49.77 7.26
N THR C 184 25.47 49.92 8.45
CA THR C 184 26.84 49.45 8.70
C THR C 184 26.89 47.92 8.67
N THR C 185 25.90 47.27 9.25
CA THR C 185 25.82 45.82 9.20
C THR C 185 25.71 45.35 7.76
N PHE C 186 24.88 46.04 6.98
CA PHE C 186 24.74 45.65 5.58
C PHE C 186 26.05 45.80 4.85
N SER C 187 26.75 46.91 5.07
CA SER C 187 28.03 47.15 4.41
CA SER C 187 28.02 47.15 4.40
C SER C 187 29.04 46.05 4.75
N LEU C 188 29.07 45.66 6.01
CA LEU C 188 29.95 44.59 6.43
C LEU C 188 29.62 43.28 5.73
N LEU C 189 28.35 42.91 5.71
CA LEU C 189 27.95 41.68 5.05
C LEU C 189 28.11 41.76 3.53
N LEU C 190 28.06 42.96 2.98
CA LEU C 190 28.24 43.12 1.54
C LEU C 190 29.71 42.85 1.14
N ALA C 191 30.64 43.42 1.88
CA ALA C 191 32.06 43.16 1.64
C ALA C 191 32.37 41.69 1.89
N ASN C 192 31.74 41.15 2.93
CA ASN C 192 31.91 39.76 3.32
C ASN C 192 31.48 38.85 2.17
N ALA C 193 30.34 39.18 1.54
CA ALA C 193 29.84 38.40 0.42
C ALA C 193 30.80 38.43 -0.75
N ALA C 194 31.47 39.57 -0.95
CA ALA C 194 32.38 39.74 -2.09
C ALA C 194 33.62 38.84 -1.96
N LEU C 195 33.89 38.30 -0.77
CA LEU C 195 34.97 37.34 -0.59
C LEU C 195 34.64 35.97 -1.16
N ALA C 196 33.37 35.66 -1.36
CA ALA C 196 33.01 34.32 -1.80
C ALA C 196 33.55 34.01 -3.18
N SER C 197 33.99 32.78 -3.36
CA SER C 197 34.57 32.35 -4.61
C SER C 197 33.56 32.33 -5.76
N TRP C 198 33.95 32.92 -6.89
CA TRP C 198 33.09 32.87 -8.08
C TRP C 198 32.93 31.45 -8.61
N ASP C 199 33.96 30.62 -8.39
CA ASP C 199 33.89 29.23 -8.80
C ASP C 199 32.84 28.48 -7.98
N MET C 200 32.87 28.71 -6.67
CA MET C 200 31.89 28.15 -5.76
C MET C 200 30.49 28.59 -6.16
N GLN C 201 30.30 29.89 -6.45
CA GLN C 201 28.97 30.39 -6.73
C GLN C 201 28.33 29.66 -7.91
N ARG C 202 29.09 29.39 -8.96
CA ARG C 202 28.50 28.70 -10.10
C ARG C 202 28.33 27.21 -9.83
N ALA C 203 29.30 26.58 -9.19
CA ALA C 203 29.23 25.12 -9.01
C ALA C 203 28.19 24.70 -7.98
N VAL C 204 28.00 25.52 -6.95
CA VAL C 204 27.13 25.09 -5.84
C VAL C 204 25.68 24.91 -6.27
N ARG C 205 25.29 25.52 -7.39
CA ARG C 205 23.94 25.31 -7.95
C ARG C 205 23.67 23.85 -8.21
N SER C 206 24.73 23.08 -8.46
CA SER C 206 24.61 21.65 -8.77
C SER C 206 24.92 20.75 -7.58
N MET C 207 25.01 21.32 -6.39
CA MET C 207 25.33 20.52 -5.23
C MET C 207 24.24 19.50 -4.96
N THR C 208 24.64 18.26 -4.75
CA THR C 208 23.70 17.22 -4.39
C THR C 208 23.23 17.42 -2.96
N VAL C 209 21.94 17.15 -2.72
CA VAL C 209 21.38 17.30 -1.38
C VAL C 209 20.53 16.08 -1.07
N GLU C 210 20.96 15.29 -0.09
CA GLU C 210 20.23 14.07 0.22
C GLU C 210 19.25 14.31 1.37
N ALA C 211 18.32 15.24 1.17
CA ALA C 211 17.36 15.60 2.20
C ALA C 211 16.41 14.45 2.53
N ALA C 212 15.97 13.72 1.52
CA ALA C 212 15.00 12.66 1.77
C ALA C 212 15.61 11.62 2.73
N LYS C 213 16.84 11.20 2.47
CA LYS C 213 17.50 10.23 3.32
C LYS C 213 17.79 10.83 4.69
N GLY C 214 18.46 11.98 4.72
CA GLY C 214 18.87 12.56 5.99
C GLY C 214 17.70 12.86 6.91
N LEU C 215 16.67 13.53 6.39
CA LEU C 215 15.55 13.91 7.22
C LEU C 215 14.67 12.73 7.60
N SER C 216 14.42 11.82 6.66
CA SER C 216 13.48 10.75 6.99
C SER C 216 14.04 9.79 8.03
N LYS C 217 15.37 9.64 8.09
CA LYS C 217 15.96 8.70 9.04
C LYS C 217 16.35 9.34 10.38
N ALA C 218 16.25 10.67 10.49
CA ALA C 218 16.69 11.34 11.71
C ALA C 218 15.82 10.98 12.91
N GLU C 219 16.47 10.76 14.06
CA GLU C 219 15.75 10.52 15.31
C GLU C 219 15.89 11.66 16.33
N VAL C 220 16.94 12.47 16.18
CA VAL C 220 17.13 13.59 17.08
C VAL C 220 16.05 14.65 16.79
N PRO C 221 15.78 15.52 17.77
CA PRO C 221 14.88 16.64 17.50
C PRO C 221 15.34 17.53 16.34
N LEU C 222 14.37 17.94 15.52
CA LEU C 222 14.58 18.83 14.39
C LEU C 222 13.60 19.97 14.50
N LEU C 223 14.12 21.18 14.36
CA LEU C 223 13.31 22.38 14.43
C LEU C 223 13.55 23.21 13.19
N LEU C 224 12.49 23.56 12.48
CA LEU C 224 12.60 24.41 11.30
C LEU C 224 12.05 25.78 11.60
N LEU C 225 12.89 26.80 11.59
CA LEU C 225 12.50 28.17 11.87
C LEU C 225 12.63 28.97 10.60
N TYR C 226 11.54 29.52 10.10
CA TYR C 226 11.56 30.27 8.83
C TYR C 226 10.88 31.61 8.97
N GLY C 227 11.43 32.62 8.29
CA GLY C 227 10.70 33.84 8.07
C GLY C 227 9.61 33.62 7.05
N ALA C 228 8.36 34.00 7.39
CA ALA C 228 7.27 33.79 6.46
C ALA C 228 7.43 34.58 5.16
N GLN C 229 8.22 35.65 5.21
CA GLN C 229 8.45 36.52 4.05
CA GLN C 229 8.38 36.44 3.99
C GLN C 229 9.71 36.18 3.29
N ASP C 230 10.33 35.02 3.60
CA ASP C 230 11.59 34.65 2.98
C ASP C 230 11.50 34.77 1.46
N ALA C 231 12.33 35.63 0.88
CA ALA C 231 12.29 35.93 -0.56
C ALA C 231 13.20 35.02 -1.37
N LEU C 232 13.87 34.07 -0.72
CA LEU C 232 14.84 33.20 -1.41
C LEU C 232 14.46 31.72 -1.34
N VAL C 233 14.08 31.27 -0.15
CA VAL C 233 13.58 29.92 0.06
C VAL C 233 12.09 30.02 0.33
N LYS C 234 11.28 29.21 -0.37
CA LYS C 234 9.84 29.23 -0.12
C LYS C 234 9.56 28.53 1.21
N ALA C 235 9.13 29.30 2.21
CA ALA C 235 9.07 28.78 3.58
C ALA C 235 8.02 27.67 3.75
N LYS C 236 6.77 27.95 3.42
CA LYS C 236 5.76 26.92 3.67
C LYS C 236 5.96 25.65 2.82
N PRO C 237 6.32 25.77 1.53
CA PRO C 237 6.55 24.52 0.79
C PRO C 237 7.76 23.73 1.27
N SER C 238 8.80 24.43 1.69
CA SER C 238 9.97 23.76 2.23
C SER C 238 9.62 23.02 3.53
N ILE C 239 8.90 23.69 4.41
CA ILE C 239 8.46 23.04 5.65
C ILE C 239 7.56 21.86 5.36
N ALA C 240 6.67 22.00 4.39
CA ALA C 240 5.71 20.92 4.09
C ALA C 240 6.44 19.72 3.55
N ARG C 241 7.45 19.95 2.69
CA ARG C 241 8.26 18.84 2.19
C ARG C 241 9.02 18.16 3.32
N ALA C 242 9.65 18.95 4.20
CA ALA C 242 10.39 18.37 5.31
C ALA C 242 9.45 17.54 6.19
N LYS C 243 8.28 18.08 6.51
CA LYS C 243 7.32 17.33 7.34
C LYS C 243 6.77 16.09 6.66
N SER C 244 6.71 16.09 5.32
CA SER C 244 6.34 14.85 4.63
C SER C 244 7.42 13.78 4.83
N LEU C 245 8.67 14.21 4.81
CA LEU C 245 9.78 13.27 5.00
C LEU C 245 9.86 12.79 6.44
N ASN C 246 9.50 13.67 7.37
CA ASN C 246 9.63 13.38 8.79
C ASN C 246 8.59 14.19 9.53
N PRO C 247 7.43 13.57 9.86
CA PRO C 247 6.36 14.36 10.47
C PRO C 247 6.62 14.70 11.93
N ARG C 248 7.72 14.24 12.50
CA ARG C 248 8.10 14.65 13.86
C ARG C 248 8.86 15.97 13.90
N ILE C 249 9.20 16.50 12.74
CA ILE C 249 9.77 17.84 12.66
C ILE C 249 8.81 18.87 13.25
N ARG C 250 9.35 19.78 14.08
CA ARG C 250 8.60 20.93 14.53
C ARG C 250 8.98 22.14 13.69
N SER C 251 8.04 23.04 13.45
CA SER C 251 8.36 24.26 12.71
C SER C 251 7.74 25.47 13.36
N GLU C 252 8.34 26.63 13.07
CA GLU C 252 7.81 27.91 13.49
C GLU C 252 8.02 28.90 12.36
N LEU C 253 7.01 29.71 12.09
CA LEU C 253 7.09 30.79 11.13
C LEU C 253 7.18 32.12 11.82
N TYR C 254 8.20 32.90 11.50
CA TYR C 254 8.27 34.28 11.96
C TYR C 254 7.52 35.17 10.96
N ALA C 255 6.34 35.65 11.31
CA ALA C 255 5.44 36.28 10.35
C ALA C 255 6.08 37.45 9.61
N ASP C 256 6.90 38.22 10.32
CA ASP C 256 7.40 39.47 9.77
C ASP C 256 8.88 39.43 9.40
N SER C 257 9.51 38.24 9.42
CA SER C 257 10.89 38.10 9.00
C SER C 257 10.97 37.51 7.60
N GLY C 258 12.07 37.82 6.93
CA GLY C 258 12.48 37.18 5.69
C GLY C 258 13.45 36.06 5.94
N HIS C 259 14.45 35.99 5.07
CA HIS C 259 15.38 34.85 4.98
C HIS C 259 16.35 34.75 6.16
N ALA C 260 16.53 35.83 6.92
CA ALA C 260 17.51 35.85 8.01
C ALA C 260 16.91 36.25 9.35
N PRO C 261 16.02 35.40 9.90
CA PRO C 261 15.34 35.75 11.16
C PRO C 261 16.29 35.89 12.35
N PHE C 262 17.46 35.25 12.27
CA PHE C 262 18.45 35.35 13.35
C PHE C 262 19.08 36.76 13.43
N LEU C 263 19.01 37.51 12.33
CA LEU C 263 19.41 38.91 12.30
C LEU C 263 18.19 39.84 12.46
N GLU C 264 17.05 39.46 11.89
CA GLU C 264 15.86 40.33 11.89
C GLU C 264 15.12 40.35 13.23
N GLU C 265 15.09 39.20 13.89
CA GLU C 265 14.40 39.03 15.19
C GLU C 265 15.33 38.29 16.13
N PRO C 266 16.45 38.93 16.51
CA PRO C 266 17.50 38.17 17.19
C PRO C 266 17.12 37.74 18.62
N GLU C 267 16.33 38.55 19.33
CA GLU C 267 15.97 38.17 20.70
C GLU C 267 15.06 36.95 20.66
N ARG C 268 14.12 36.95 19.73
CA ARG C 268 13.20 35.83 19.57
C ARG C 268 13.98 34.59 19.11
N PHE C 269 14.87 34.76 18.12
CA PHE C 269 15.66 33.64 17.65
C PHE C 269 16.55 33.05 18.74
N ASN C 270 17.20 33.92 19.50
CA ASN C 270 18.10 33.43 20.54
C ASN C 270 17.35 32.68 21.64
N ARG C 271 16.14 33.14 21.95
CA ARG C 271 15.26 32.44 22.89
C ARG C 271 14.91 31.05 22.34
N ASP C 272 14.44 31.00 21.09
CA ASP C 272 14.07 29.72 20.49
C ASP C 272 15.28 28.77 20.46
N LEU C 273 16.46 29.27 20.09
CA LEU C 273 17.62 28.41 20.02
C LEU C 273 18.02 27.88 21.40
N SER C 274 18.07 28.78 22.40
CA SER C 274 18.40 28.35 23.76
CA SER C 274 18.39 28.37 23.75
C SER C 274 17.42 27.31 24.24
N ASP C 275 16.14 27.53 23.99
CA ASP C 275 15.13 26.58 24.48
C ASP C 275 15.32 25.23 23.79
N PHE C 276 15.64 25.29 22.49
CA PHE C 276 15.83 24.06 21.72
C PHE C 276 17.01 23.26 22.25
N VAL C 277 18.12 23.94 22.49
CA VAL C 277 19.33 23.28 22.99
C VAL C 277 19.04 22.64 24.34
N ARG C 278 18.42 23.40 25.25
CA ARG C 278 18.05 22.82 26.55
C ARG C 278 17.19 21.57 26.39
N MET C 279 16.19 21.65 25.52
CA MET C 279 15.32 20.50 25.28
C MET C 279 16.11 19.33 24.72
N ALA C 280 16.94 19.59 23.71
CA ALA C 280 17.69 18.54 23.05
C ALA C 280 18.65 17.82 24.00
N LEU C 281 19.26 18.57 24.92
CA LEU C 281 20.23 17.97 25.84
C LEU C 281 19.55 17.17 26.95
N SER C 282 18.25 17.28 27.07
CA SER C 282 17.53 16.59 28.14
C SER C 282 16.68 15.43 27.64
N ARG C 283 17.19 14.69 26.67
CA ARG C 283 16.45 13.53 26.17
C ARG C 283 17.03 12.21 26.68
N ARG D 12 12.71 -6.69 -11.37
CA ARG D 12 12.99 -5.30 -11.04
C ARG D 12 11.84 -4.37 -11.44
N ASP D 13 11.79 -3.21 -10.76
CA ASP D 13 10.84 -2.14 -11.03
CA ASP D 13 10.85 -2.13 -11.04
C ASP D 13 11.59 -0.80 -11.05
N TYR D 14 11.33 0.01 -12.04
CA TYR D 14 12.03 1.29 -12.13
C TYR D 14 11.22 2.22 -13.03
N THR D 15 11.69 3.42 -13.28
CA THR D 15 10.95 4.31 -14.15
C THR D 15 11.81 4.75 -15.31
N VAL D 16 11.12 5.17 -16.37
CA VAL D 16 11.75 5.74 -17.58
C VAL D 16 10.98 7.00 -17.94
N THR D 17 11.67 8.11 -18.15
CA THR D 17 10.96 9.34 -18.47
C THR D 17 10.91 9.51 -19.99
N ALA D 18 9.71 9.65 -20.52
CA ALA D 18 9.49 9.82 -21.96
C ALA D 18 9.84 11.23 -22.42
N PRO D 19 9.96 11.44 -23.74
CA PRO D 19 10.39 12.75 -24.25
C PRO D 19 9.52 13.94 -23.81
N ASP D 20 8.23 13.72 -23.54
CA ASP D 20 7.36 14.80 -23.11
C ASP D 20 7.26 14.92 -21.58
N GLY D 21 8.12 14.16 -20.90
CA GLY D 21 8.22 14.27 -19.45
C GLY D 21 7.36 13.26 -18.69
N VAL D 22 6.53 12.46 -19.37
CA VAL D 22 5.73 11.45 -18.67
C VAL D 22 6.61 10.35 -18.09
N VAL D 23 6.45 10.08 -16.80
CA VAL D 23 7.26 9.07 -16.13
C VAL D 23 6.56 7.72 -16.23
N LEU D 24 7.18 6.78 -16.91
CA LEU D 24 6.63 5.44 -17.16
C LEU D 24 7.10 4.47 -16.13
N ALA D 25 6.17 3.65 -15.62
CA ALA D 25 6.51 2.58 -14.69
C ALA D 25 6.90 1.33 -15.47
N VAL D 26 8.12 0.83 -15.26
CA VAL D 26 8.68 -0.26 -16.06
C VAL D 26 9.04 -1.41 -15.13
N GLN D 27 8.85 -2.63 -15.63
CA GLN D 27 9.20 -3.84 -14.89
C GLN D 27 9.97 -4.80 -15.77
N GLU D 28 10.79 -5.65 -15.17
CA GLU D 28 11.49 -6.70 -15.91
CA GLU D 28 11.31 -6.74 -15.99
C GLU D 28 11.42 -8.03 -15.19
N ALA D 29 11.37 -9.11 -15.95
CA ALA D 29 11.47 -10.45 -15.39
C ALA D 29 12.23 -11.33 -16.37
N GLY D 30 12.22 -12.64 -16.16
CA GLY D 30 13.00 -13.53 -16.99
C GLY D 30 14.50 -13.33 -16.81
N ASP D 31 15.26 -13.62 -17.86
CA ASP D 31 16.71 -13.53 -17.80
C ASP D 31 17.18 -12.15 -18.26
N PRO D 32 17.84 -11.39 -17.38
CA PRO D 32 18.25 -10.05 -17.81
C PRO D 32 19.27 -10.08 -18.95
N GLU D 33 19.92 -11.23 -19.18
CA GLU D 33 20.90 -11.37 -20.26
C GLU D 33 20.29 -12.05 -21.49
N GLY D 34 19.00 -12.36 -21.44
CA GLY D 34 18.34 -13.02 -22.56
C GLY D 34 17.88 -12.00 -23.59
N SER D 35 17.52 -12.51 -24.76
CA SER D 35 16.98 -11.66 -25.82
CA SER D 35 17.01 -11.63 -25.79
C SER D 35 15.70 -11.00 -25.31
N PRO D 36 15.51 -9.69 -25.59
CA PRO D 36 14.38 -8.99 -24.98
C PRO D 36 13.05 -9.15 -25.72
N ILE D 37 11.98 -9.25 -24.93
CA ILE D 37 10.61 -9.12 -25.41
C ILE D 37 9.97 -7.96 -24.65
N ILE D 38 9.35 -7.02 -25.35
CA ILE D 38 8.65 -5.94 -24.68
C ILE D 38 7.16 -6.08 -24.91
N PHE D 39 6.42 -6.17 -23.80
CA PHE D 39 4.96 -6.35 -23.79
C PHE D 39 4.26 -5.01 -23.58
N ILE D 40 3.27 -4.72 -24.43
CA ILE D 40 2.56 -3.45 -24.40
C ILE D 40 1.09 -3.77 -24.21
N HIS D 41 0.53 -3.33 -23.09
CA HIS D 41 -0.85 -3.75 -22.79
C HIS D 41 -1.88 -2.88 -23.50
N GLY D 42 -3.15 -3.10 -23.19
CA GLY D 42 -4.23 -2.46 -23.89
C GLY D 42 -5.03 -1.53 -22.97
N LEU D 43 -6.11 -0.98 -23.51
CA LEU D 43 -6.91 0.00 -22.78
C LEU D 43 -7.42 -0.56 -21.47
N LEU D 44 -7.26 0.24 -20.40
CA LEU D 44 -7.69 -0.08 -19.01
C LEU D 44 -6.89 -1.25 -18.43
N GLY D 45 -5.79 -1.62 -19.08
CA GLY D 45 -4.90 -2.62 -18.53
C GLY D 45 -3.71 -2.05 -17.76
N SER D 46 -2.73 -2.91 -17.52
CA SER D 46 -1.42 -2.52 -16.96
C SER D 46 -0.49 -3.69 -17.21
N ARG D 47 0.72 -3.64 -16.69
CA ARG D 47 1.62 -4.77 -16.79
C ARG D 47 1.02 -6.07 -16.25
N LEU D 48 0.04 -5.98 -15.35
CA LEU D 48 -0.57 -7.18 -14.76
C LEU D 48 -1.29 -8.03 -15.79
N ASN D 49 -1.64 -7.47 -16.95
CA ASN D 49 -2.25 -8.30 -17.99
C ASN D 49 -1.38 -9.47 -18.42
N TRP D 50 -0.07 -9.33 -18.30
CA TRP D 50 0.87 -10.28 -18.86
C TRP D 50 1.35 -11.34 -17.88
N SER D 51 0.69 -11.50 -16.75
CA SER D 51 1.16 -12.40 -15.69
CA SER D 51 1.27 -12.35 -15.72
C SER D 51 1.40 -13.82 -16.17
N LYS D 52 0.52 -14.34 -17.04
CA LYS D 52 0.65 -15.75 -17.44
C LYS D 52 1.81 -15.96 -18.42
N GLN D 53 2.24 -14.88 -19.06
CA GLN D 53 3.44 -14.94 -19.90
C GLN D 53 4.67 -14.87 -19.02
N LEU D 54 4.67 -13.94 -18.06
CA LEU D 54 5.84 -13.76 -17.22
C LEU D 54 6.11 -14.97 -16.36
N GLN D 55 5.09 -15.79 -16.12
CA GLN D 55 5.24 -16.96 -15.27
C GLN D 55 5.62 -18.22 -16.03
N ASP D 56 5.82 -18.10 -17.34
CA ASP D 56 6.06 -19.25 -18.19
C ASP D 56 7.55 -19.60 -18.26
N PRO D 57 7.90 -20.82 -17.86
CA PRO D 57 9.32 -21.22 -17.93
C PRO D 57 10.00 -21.01 -19.29
N ARG D 58 9.33 -21.32 -20.39
CA ARG D 58 9.98 -21.15 -21.69
C ARG D 58 10.25 -19.67 -21.94
N LEU D 59 9.27 -18.83 -21.67
CA LEU D 59 9.48 -17.41 -21.94
C LEU D 59 10.51 -16.79 -21.00
N GLN D 60 10.74 -17.41 -19.84
CA GLN D 60 11.69 -16.83 -18.88
C GLN D 60 13.16 -16.95 -19.32
N HIS D 61 13.41 -17.57 -20.47
CA HIS D 61 14.74 -17.50 -21.07
C HIS D 61 15.02 -16.15 -21.69
N TYR D 62 13.95 -15.39 -21.90
CA TYR D 62 14.06 -14.08 -22.51
C TYR D 62 14.07 -13.02 -21.44
N ARG D 63 14.52 -11.82 -21.81
CA ARG D 63 14.42 -10.67 -20.92
C ARG D 63 13.02 -10.10 -21.10
N LEU D 64 12.17 -10.24 -20.08
CA LEU D 64 10.74 -9.96 -20.25
C LEU D 64 10.43 -8.59 -19.68
N ILE D 65 10.24 -7.60 -20.56
CA ILE D 65 10.07 -6.21 -20.17
C ILE D 65 8.62 -5.81 -20.33
N THR D 66 8.05 -5.27 -19.26
CA THR D 66 6.68 -4.75 -19.30
C THR D 66 6.69 -3.29 -18.87
N TYR D 67 5.62 -2.57 -19.17
CA TYR D 67 5.47 -1.23 -18.62
C TYR D 67 4.00 -0.87 -18.63
N ASP D 68 3.65 0.15 -17.86
CA ASP D 68 2.30 0.70 -17.89
C ASP D 68 2.21 1.84 -18.92
N LEU D 69 1.23 1.76 -19.80
CA LEU D 69 0.99 2.86 -20.74
C LEU D 69 0.75 4.17 -20.01
N ARG D 70 1.05 5.27 -20.67
CA ARG D 70 0.61 6.56 -20.14
C ARG D 70 -0.89 6.49 -19.81
N GLY D 71 -1.28 7.19 -18.73
CA GLY D 71 -2.66 7.18 -18.33
C GLY D 71 -3.11 5.93 -17.60
N HIS D 72 -2.22 4.96 -17.40
CA HIS D 72 -2.58 3.64 -16.86
C HIS D 72 -1.69 3.24 -15.68
N GLY D 73 -2.18 2.35 -14.84
CA GLY D 73 -1.35 1.76 -13.81
C GLY D 73 -0.63 2.74 -12.94
N LEU D 74 0.69 2.61 -12.86
CA LEU D 74 1.53 3.52 -12.08
C LEU D 74 2.32 4.48 -12.93
N SER D 75 1.99 4.54 -14.21
CA SER D 75 2.65 5.54 -15.06
C SER D 75 2.03 6.92 -14.91
N GLY D 76 2.73 7.94 -15.41
CA GLY D 76 2.16 9.28 -15.38
C GLY D 76 0.85 9.41 -16.10
N LYS D 77 0.04 10.34 -15.62
CA LYS D 77 -1.32 10.53 -16.12
CA LYS D 77 -1.33 10.53 -16.11
C LYS D 77 -1.58 12.02 -16.37
N PRO D 78 -0.92 12.57 -17.40
CA PRO D 78 -1.14 13.99 -17.69
C PRO D 78 -2.60 14.24 -18.03
N ALA D 79 -3.03 15.48 -17.82
CA ALA D 79 -4.43 15.81 -17.96
C ALA D 79 -4.80 16.31 -19.35
N GLU D 80 -3.83 16.81 -20.12
CA GLU D 80 -4.15 17.39 -21.42
C GLU D 80 -4.56 16.32 -22.43
N ALA D 81 -5.60 16.60 -23.21
CA ALA D 81 -6.06 15.62 -24.19
C ALA D 81 -4.96 15.28 -25.20
N SER D 82 -4.14 16.25 -25.60
CA SER D 82 -3.15 15.97 -26.62
C SER D 82 -2.06 15.03 -26.14
N SER D 83 -1.94 14.81 -24.83
CA SER D 83 -1.03 13.79 -24.34
C SER D 83 -1.41 12.42 -24.85
N TYR D 84 -2.69 12.27 -25.26
CA TYR D 84 -3.21 10.98 -25.67
C TYR D 84 -3.72 10.98 -27.10
N THR D 85 -4.19 12.13 -27.58
CA THR D 85 -4.71 12.13 -28.94
C THR D 85 -3.63 12.03 -29.98
N ASP D 86 -2.43 12.53 -29.69
CA ASP D 86 -1.34 12.41 -30.64
C ASP D 86 -0.67 11.05 -30.47
N GLY D 87 -0.84 10.17 -31.45
CA GLY D 87 -0.28 8.83 -31.41
C GLY D 87 1.23 8.84 -31.26
N ARG D 88 1.91 9.91 -31.69
CA ARG D 88 3.35 9.99 -31.53
C ARG D 88 3.76 9.98 -30.03
N ARG D 89 2.92 10.51 -29.13
CA ARG D 89 3.32 10.47 -27.72
C ARG D 89 3.48 9.04 -27.22
N TRP D 90 2.56 8.15 -27.65
CA TRP D 90 2.62 6.76 -27.21
C TRP D 90 3.77 6.04 -27.90
N ALA D 91 3.98 6.34 -29.17
CA ALA D 91 5.14 5.79 -29.88
C ALA D 91 6.45 6.17 -29.19
N ASP D 92 6.52 7.42 -28.73
CA ASP D 92 7.72 7.88 -28.07
C ASP D 92 7.91 7.24 -26.70
N ASP D 93 6.80 6.88 -26.03
CA ASP D 93 6.92 6.15 -24.78
C ASP D 93 7.62 4.83 -25.04
N LEU D 94 7.16 4.08 -26.06
CA LEU D 94 7.77 2.80 -26.40
C LEU D 94 9.23 3.00 -26.79
N ALA D 95 9.51 4.02 -27.61
CA ALA D 95 10.91 4.33 -27.97
C ALA D 95 11.75 4.58 -26.73
N ALA D 96 11.20 5.31 -25.77
CA ALA D 96 11.95 5.62 -24.55
C ALA D 96 12.27 4.36 -23.77
N ILE D 97 11.32 3.43 -23.72
CA ILE D 97 11.54 2.14 -23.09
C ILE D 97 12.68 1.39 -23.78
N ILE D 98 12.61 1.27 -25.10
CA ILE D 98 13.69 0.58 -25.82
C ILE D 98 15.06 1.26 -25.58
N GLU D 99 15.07 2.58 -25.63
CA GLU D 99 16.30 3.35 -25.47
C GLU D 99 16.89 3.20 -24.07
N SER D 100 16.05 3.31 -23.05
CA SER D 100 16.55 3.32 -21.68
CA SER D 100 16.57 3.32 -21.70
C SER D 100 16.96 1.93 -21.20
N THR D 101 16.23 0.90 -21.65
CA THR D 101 16.55 -0.46 -21.26
C THR D 101 17.73 -1.01 -22.05
N HIS D 102 18.16 -0.29 -23.10
CA HIS D 102 19.23 -0.78 -23.97
C HIS D 102 18.80 -2.08 -24.65
N ALA D 103 17.51 -2.24 -24.91
CA ALA D 103 17.07 -3.48 -25.55
C ALA D 103 17.48 -3.50 -27.02
N ARG D 104 18.28 -4.49 -27.41
CA ARG D 104 18.71 -4.64 -28.80
C ARG D 104 17.80 -5.64 -29.50
N LYS D 105 17.20 -5.19 -30.59
CA LYS D 105 16.27 -5.96 -31.40
C LYS D 105 15.23 -6.71 -30.57
N PRO D 106 14.51 -6.00 -29.70
CA PRO D 106 13.44 -6.71 -29.00
C PRO D 106 12.35 -7.16 -29.94
N VAL D 107 11.61 -8.18 -29.52
CA VAL D 107 10.32 -8.48 -30.13
C VAL D 107 9.25 -7.72 -29.35
N LEU D 108 8.39 -7.03 -30.07
CA LEU D 108 7.29 -6.28 -29.45
C LEU D 108 6.04 -7.15 -29.44
N VAL D 109 5.29 -7.10 -28.34
CA VAL D 109 4.04 -7.84 -28.23
C VAL D 109 3.00 -6.85 -27.75
N GLY D 110 2.03 -6.48 -28.60
CA GLY D 110 1.10 -5.41 -28.24
C GLY D 110 -0.32 -5.91 -28.25
N TRP D 111 -1.04 -5.72 -27.13
CA TRP D 111 -2.44 -6.12 -27.00
C TRP D 111 -3.37 -4.96 -27.28
N SER D 112 -4.23 -5.09 -28.28
CA SER D 112 -5.35 -4.16 -28.50
C SER D 112 -4.80 -2.72 -28.73
N LEU D 113 -5.04 -1.76 -27.83
CA LEU D 113 -4.45 -0.43 -28.00
C LEU D 113 -2.93 -0.53 -28.21
N GLY D 114 -2.28 -1.49 -27.57
CA GLY D 114 -0.85 -1.68 -27.73
C GLY D 114 -0.43 -1.95 -29.15
N GLY D 115 -1.32 -2.58 -29.95
CA GLY D 115 -1.05 -2.74 -31.38
C GLY D 115 -0.95 -1.40 -32.10
N ALA D 116 -1.83 -0.46 -31.74
CA ALA D 116 -1.80 0.87 -32.33
C ALA D 116 -0.53 1.62 -31.91
N VAL D 117 -0.08 1.40 -30.68
CA VAL D 117 1.20 1.93 -30.24
C VAL D 117 2.32 1.39 -31.13
N ILE D 118 2.32 0.08 -31.42
CA ILE D 118 3.36 -0.46 -32.29
C ILE D 118 3.29 0.16 -33.67
N SER D 119 2.08 0.35 -34.21
CA SER D 119 1.97 0.94 -35.55
C SER D 119 2.53 2.36 -35.58
N ASN D 120 2.21 3.13 -34.55
CA ASN D 120 2.71 4.49 -34.48
C ASN D 120 4.23 4.53 -34.27
N TYR D 121 4.75 3.58 -33.50
CA TYR D 121 6.20 3.43 -33.34
C TYR D 121 6.84 3.13 -34.68
N LEU D 122 6.27 2.18 -35.42
CA LEU D 122 6.84 1.84 -36.72
C LEU D 122 6.79 3.05 -37.66
N ALA D 123 5.74 3.84 -37.60
CA ALA D 123 5.62 5.00 -38.47
C ALA D 123 6.70 6.03 -38.16
N ALA D 124 7.00 6.22 -36.88
CA ALA D 124 7.94 7.26 -36.44
C ALA D 124 9.39 6.81 -36.51
N TYR D 125 9.66 5.54 -36.22
CA TYR D 125 11.03 5.05 -36.04
C TYR D 125 11.44 3.97 -37.02
N GLY D 126 10.48 3.41 -37.77
CA GLY D 126 10.77 2.23 -38.56
C GLY D 126 11.10 1.04 -37.70
N ASP D 127 11.63 -0.02 -38.32
CA ASP D 127 11.79 -1.26 -37.59
C ASP D 127 13.24 -1.67 -37.42
N LYS D 128 14.19 -0.79 -37.72
CA LYS D 128 15.60 -1.19 -37.61
C LYS D 128 15.99 -1.56 -36.17
N GLY D 129 15.21 -1.09 -35.18
CA GLY D 129 15.54 -1.32 -33.79
C GLY D 129 14.83 -2.52 -33.17
N ILE D 130 14.05 -3.28 -33.96
CA ILE D 130 13.32 -4.42 -33.39
C ILE D 130 13.51 -5.64 -34.25
N ALA D 131 13.13 -6.79 -33.71
CA ALA D 131 13.27 -8.06 -34.43
C ALA D 131 11.96 -8.52 -35.05
N GLY D 132 10.83 -7.97 -34.59
CA GLY D 132 9.53 -8.42 -35.03
C GLY D 132 8.48 -7.93 -34.07
N ALA D 133 7.24 -8.11 -34.48
CA ALA D 133 6.13 -7.71 -33.60
C ALA D 133 4.95 -8.66 -33.71
N VAL D 134 4.31 -8.89 -32.56
CA VAL D 134 3.06 -9.63 -32.45
C VAL D 134 1.97 -8.66 -32.02
N TYR D 135 0.94 -8.52 -32.86
CA TYR D 135 -0.26 -7.77 -32.52
C TYR D 135 -1.23 -8.78 -31.96
N VAL D 136 -1.58 -8.65 -30.69
CA VAL D 136 -2.52 -9.58 -30.05
C VAL D 136 -3.87 -8.87 -29.97
N ASP D 137 -4.82 -9.30 -30.79
CA ASP D 137 -6.13 -8.62 -30.87
C ASP D 137 -5.89 -7.11 -31.04
N GLY D 138 -4.94 -6.79 -31.90
CA GLY D 138 -4.48 -5.43 -32.02
C GLY D 138 -5.50 -4.51 -32.66
N VAL D 139 -5.55 -3.28 -32.16
CA VAL D 139 -6.19 -2.23 -32.92
C VAL D 139 -5.33 -1.94 -34.13
N ILE D 140 -5.92 -2.04 -35.30
CA ILE D 140 -5.20 -1.71 -36.52
C ILE D 140 -5.50 -0.22 -36.81
N GLU D 141 -6.77 0.11 -36.98
CA GLU D 141 -7.23 1.50 -37.01
C GLU D 141 -8.40 1.65 -36.06
N LEU D 142 -8.54 2.85 -35.51
CA LEU D 142 -9.70 3.17 -34.67
C LEU D 142 -10.83 3.63 -35.60
N LYS D 143 -11.38 2.67 -36.32
CA LYS D 143 -12.41 2.91 -37.33
C LYS D 143 -13.56 1.96 -37.08
N PRO D 144 -14.79 2.40 -37.41
CA PRO D 144 -15.93 1.60 -36.99
C PRO D 144 -16.09 0.27 -37.72
N ASP D 145 -15.47 0.09 -38.88
CA ASP D 145 -15.53 -1.24 -39.49
C ASP D 145 -14.68 -2.28 -38.73
N GLN D 146 -13.87 -1.81 -37.79
CA GLN D 146 -12.96 -2.72 -37.08
C GLN D 146 -13.25 -2.81 -35.58
N ILE D 147 -14.15 -1.97 -35.11
CA ILE D 147 -14.38 -1.90 -33.69
C ILE D 147 -15.84 -2.26 -33.42
N VAL D 148 -16.07 -3.14 -32.46
CA VAL D 148 -17.44 -3.56 -32.15
C VAL D 148 -18.21 -2.42 -31.46
N ALA D 149 -19.46 -2.22 -31.89
CA ALA D 149 -20.30 -1.18 -31.27
C ALA D 149 -20.80 -1.59 -29.89
N HIS D 150 -20.62 -0.69 -28.93
CA HIS D 150 -21.15 -0.85 -27.56
C HIS D 150 -21.55 0.52 -27.06
N PRO D 151 -22.61 1.11 -27.62
CA PRO D 151 -22.83 2.53 -27.32
C PRO D 151 -23.00 2.81 -25.83
N GLU D 152 -23.74 1.97 -25.12
CA GLU D 152 -23.98 2.23 -23.69
C GLU D 152 -22.71 2.05 -22.88
N VAL D 153 -21.97 0.98 -23.14
CA VAL D 153 -20.75 0.76 -22.36
C VAL D 153 -19.70 1.87 -22.62
N TYR D 154 -19.49 2.23 -23.89
CA TYR D 154 -18.49 3.23 -24.24
CA TYR D 154 -18.48 3.25 -24.18
C TYR D 154 -18.89 4.61 -23.64
N ARG D 155 -20.19 4.90 -23.63
CA ARG D 155 -20.71 6.13 -23.02
C ARG D 155 -20.50 6.10 -21.50
N ASP D 156 -20.92 5.01 -20.88
CA ASP D 156 -20.91 4.97 -19.42
C ASP D 156 -19.48 4.96 -18.87
N MET D 157 -18.56 4.29 -19.57
CA MET D 157 -17.25 4.10 -18.97
C MET D 157 -16.44 5.40 -19.00
N ILE D 158 -16.91 6.45 -19.70
CA ILE D 158 -16.30 7.78 -19.62
C ILE D 158 -17.20 8.84 -18.95
N ALA D 159 -18.30 8.41 -18.33
CA ALA D 159 -19.25 9.36 -17.74
C ALA D 159 -18.63 10.14 -16.57
N SER D 160 -19.19 11.31 -16.28
CA SER D 160 -18.74 12.07 -15.13
CA SER D 160 -18.76 12.09 -15.12
C SER D 160 -19.28 11.53 -13.80
N ASP D 161 -20.46 10.90 -13.84
CA ASP D 161 -21.02 10.34 -12.62
C ASP D 161 -20.16 9.15 -12.15
N LEU D 162 -19.81 9.13 -10.87
CA LEU D 162 -18.84 8.15 -10.39
C LEU D 162 -19.34 6.70 -10.54
N GLN D 163 -20.52 6.39 -10.05
CA GLN D 163 -20.99 5.01 -10.14
C GLN D 163 -21.16 4.58 -11.60
N THR D 164 -21.69 5.47 -12.45
CA THR D 164 -21.86 5.14 -13.85
C THR D 164 -20.51 4.80 -14.47
N HIS D 165 -19.48 5.61 -14.15
CA HIS D 165 -18.16 5.44 -14.73
C HIS D 165 -17.62 4.06 -14.31
N LEU D 166 -17.71 3.74 -13.04
CA LEU D 166 -17.19 2.45 -12.57
C LEU D 166 -17.98 1.28 -13.16
N ASP D 167 -19.31 1.40 -13.21
CA ASP D 167 -20.12 0.34 -13.82
C ASP D 167 -19.74 0.14 -15.28
N GLY D 168 -19.44 1.23 -15.98
CA GLY D 168 -19.07 1.13 -17.39
C GLY D 168 -17.73 0.42 -17.55
N GLU D 169 -16.76 0.74 -16.68
CA GLU D 169 -15.47 0.04 -16.74
C GLU D 169 -15.64 -1.43 -16.47
N ARG D 170 -16.52 -1.79 -15.54
CA ARG D 170 -16.70 -3.19 -15.21
C ARG D 170 -17.29 -3.95 -16.43
N ALA D 171 -18.25 -3.32 -17.10
CA ALA D 171 -18.85 -3.94 -18.31
C ALA D 171 -17.80 -4.06 -19.43
N PHE D 172 -16.97 -3.03 -19.59
CA PHE D 172 -15.90 -3.11 -20.57
C PHE D 172 -14.96 -4.27 -20.29
N LEU D 173 -14.57 -4.45 -19.01
CA LEU D 173 -13.65 -5.53 -18.69
C LEU D 173 -14.33 -6.90 -18.98
N ARG D 174 -15.63 -7.04 -18.71
CA ARG D 174 -16.30 -8.28 -19.09
C ARG D 174 -16.23 -8.55 -20.59
N LEU D 175 -16.26 -7.49 -21.40
CA LEU D 175 -16.19 -7.64 -22.86
C LEU D 175 -14.79 -8.05 -23.34
N CYS D 176 -13.79 -8.01 -22.45
CA CYS D 176 -12.43 -8.42 -22.84
C CYS D 176 -12.26 -9.93 -22.96
N PHE D 177 -13.28 -10.71 -22.60
CA PHE D 177 -13.18 -12.18 -22.55
C PHE D 177 -14.37 -12.84 -23.20
N HIS D 178 -14.14 -13.97 -23.85
CA HIS D 178 -15.22 -14.90 -24.21
C HIS D 178 -15.43 -15.89 -23.09
N ARG D 179 -14.38 -16.50 -22.58
CA ARG D 179 -14.52 -17.31 -21.37
C ARG D 179 -13.99 -16.44 -20.20
N GLN D 180 -14.90 -16.12 -19.30
CA GLN D 180 -14.54 -15.24 -18.19
C GLN D 180 -13.47 -15.88 -17.32
N PRO D 181 -12.54 -15.06 -16.82
CA PRO D 181 -11.49 -15.57 -15.95
C PRO D 181 -12.04 -15.90 -14.56
N ASP D 182 -11.25 -16.52 -13.69
CA ASP D 182 -11.72 -16.73 -12.34
C ASP D 182 -11.97 -15.39 -11.65
N ALA D 183 -12.76 -15.46 -10.58
CA ALA D 183 -13.29 -14.26 -9.96
C ALA D 183 -12.20 -13.41 -9.35
N THR D 184 -11.15 -14.05 -8.81
CA THR D 184 -10.10 -13.27 -8.17
C THR D 184 -9.30 -12.53 -9.24
N THR D 185 -8.98 -13.23 -10.32
CA THR D 185 -8.33 -12.58 -11.46
C THR D 185 -9.16 -11.40 -12.00
N PHE D 186 -10.47 -11.58 -12.12
CA PHE D 186 -11.30 -10.52 -12.63
C PHE D 186 -11.25 -9.34 -11.65
N SER D 187 -11.35 -9.62 -10.34
CA SER D 187 -11.31 -8.56 -9.34
C SER D 187 -10.01 -7.79 -9.37
N LEU D 188 -8.89 -8.51 -9.57
CA LEU D 188 -7.60 -7.85 -9.68
C LEU D 188 -7.58 -6.91 -10.89
N LEU D 189 -8.01 -7.41 -12.04
CA LEU D 189 -8.02 -6.58 -13.23
C LEU D 189 -9.05 -5.43 -13.15
N LEU D 190 -10.13 -5.59 -12.39
CA LEU D 190 -11.12 -4.57 -12.22
C LEU D 190 -10.54 -3.37 -11.43
N ALA D 191 -9.86 -3.67 -10.33
CA ALA D 191 -9.21 -2.62 -9.53
C ALA D 191 -8.10 -1.99 -10.36
N ASN D 192 -7.36 -2.81 -11.12
CA ASN D 192 -6.32 -2.34 -12.02
C ASN D 192 -6.87 -1.34 -13.04
N ALA D 193 -8.05 -1.65 -13.61
CA ALA D 193 -8.67 -0.77 -14.59
C ALA D 193 -9.07 0.57 -13.97
N ALA D 194 -9.45 0.55 -12.68
CA ALA D 194 -9.90 1.75 -12.02
C ALA D 194 -8.77 2.77 -11.82
N LEU D 195 -7.53 2.32 -11.98
CA LEU D 195 -6.37 3.22 -11.94
C LEU D 195 -6.28 4.10 -13.18
N ALA D 196 -6.97 3.73 -14.26
CA ALA D 196 -6.81 4.46 -15.52
C ALA D 196 -7.34 5.90 -15.41
N SER D 197 -6.61 6.83 -15.98
CA SER D 197 -6.97 8.24 -16.02
C SER D 197 -8.24 8.50 -16.82
N TRP D 198 -9.17 9.24 -16.21
CA TRP D 198 -10.39 9.61 -16.90
C TRP D 198 -10.11 10.59 -18.07
N ASP D 199 -9.04 11.39 -17.94
CA ASP D 199 -8.62 12.27 -19.03
C ASP D 199 -8.16 11.43 -20.22
N MET D 200 -7.35 10.40 -19.93
CA MET D 200 -6.91 9.48 -20.97
C MET D 200 -8.12 8.83 -21.63
N GLN D 201 -9.09 8.38 -20.83
CA GLN D 201 -10.20 7.63 -21.43
C GLN D 201 -11.00 8.43 -22.42
N ARG D 202 -11.17 9.72 -22.12
CA ARG D 202 -11.92 10.56 -23.04
C ARG D 202 -11.12 10.87 -24.32
N ALA D 203 -9.83 11.08 -24.16
CA ALA D 203 -8.97 11.51 -25.27
C ALA D 203 -8.58 10.36 -26.21
N VAL D 204 -8.41 9.14 -25.68
CA VAL D 204 -7.77 8.06 -26.45
C VAL D 204 -8.66 7.65 -27.63
N ARG D 205 -9.95 7.91 -27.52
CA ARG D 205 -10.90 7.67 -28.61
C ARG D 205 -10.49 8.32 -29.91
N SER D 206 -9.75 9.42 -29.81
CA SER D 206 -9.32 10.24 -30.95
CA SER D 206 -9.35 10.10 -31.05
C SER D 206 -7.83 10.07 -31.25
N MET D 207 -7.18 9.09 -30.64
CA MET D 207 -5.75 8.88 -30.88
C MET D 207 -5.50 8.61 -32.37
N THR D 208 -4.54 9.34 -32.94
CA THR D 208 -4.14 9.08 -34.34
C THR D 208 -3.39 7.77 -34.43
N VAL D 209 -3.62 7.06 -35.54
CA VAL D 209 -2.94 5.79 -35.76
C VAL D 209 -2.47 5.74 -37.20
N GLU D 210 -1.15 5.77 -37.37
CA GLU D 210 -0.58 5.71 -38.72
C GLU D 210 -0.30 4.26 -39.11
N ALA D 211 -1.37 3.48 -39.21
CA ALA D 211 -1.25 2.07 -39.56
C ALA D 211 -0.73 1.85 -40.98
N ALA D 212 -1.24 2.62 -41.94
CA ALA D 212 -0.80 2.43 -43.31
C ALA D 212 0.70 2.66 -43.42
N LYS D 213 1.17 3.77 -42.86
CA LYS D 213 2.61 4.07 -42.94
C LYS D 213 3.43 3.06 -42.17
N GLY D 214 3.05 2.82 -40.92
CA GLY D 214 3.84 1.93 -40.08
C GLY D 214 3.90 0.50 -40.58
N LEU D 215 2.76 -0.06 -40.93
CA LEU D 215 2.75 -1.43 -41.44
C LEU D 215 3.31 -1.61 -42.83
N SER D 216 2.98 -0.71 -43.75
CA SER D 216 3.26 -0.98 -45.16
CA SER D 216 3.24 -0.99 -45.16
C SER D 216 4.73 -1.00 -45.37
N LYS D 217 5.47 -0.35 -44.47
CA LYS D 217 6.92 -0.26 -44.66
C LYS D 217 7.72 -1.23 -43.77
N ALA D 218 7.07 -1.93 -42.83
CA ALA D 218 7.74 -2.91 -41.96
C ALA D 218 8.31 -4.09 -42.74
N GLU D 219 9.56 -4.45 -42.44
CA GLU D 219 10.21 -5.59 -43.07
C GLU D 219 10.44 -6.76 -42.11
N VAL D 220 10.46 -6.47 -40.82
CA VAL D 220 10.59 -7.55 -39.85
C VAL D 220 9.29 -8.36 -39.84
N PRO D 221 9.36 -9.61 -39.35
CA PRO D 221 8.13 -10.40 -39.31
C PRO D 221 7.06 -9.80 -38.40
N LEU D 222 5.81 -9.90 -38.85
CA LEU D 222 4.64 -9.45 -38.09
C LEU D 222 3.66 -10.61 -38.00
N LEU D 223 3.16 -10.83 -36.78
CA LEU D 223 2.14 -11.83 -36.55
C LEU D 223 0.94 -11.17 -35.88
N LEU D 224 -0.23 -11.36 -36.47
CA LEU D 224 -1.49 -10.85 -35.91
C LEU D 224 -2.23 -12.04 -35.33
N LEU D 225 -2.40 -12.09 -34.01
CA LEU D 225 -3.01 -13.24 -33.37
C LEU D 225 -4.27 -12.74 -32.66
N TYR D 226 -5.44 -13.23 -33.06
CA TYR D 226 -6.72 -12.77 -32.53
C TYR D 226 -7.53 -13.92 -31.98
N GLY D 227 -8.29 -13.64 -30.93
CA GLY D 227 -9.40 -14.51 -30.57
C GLY D 227 -10.53 -14.25 -31.54
N ALA D 228 -11.04 -15.31 -32.17
CA ALA D 228 -12.04 -15.12 -33.20
C ALA D 228 -13.32 -14.49 -32.68
N GLN D 229 -13.59 -14.68 -31.38
CA GLN D 229 -14.83 -14.18 -30.79
C GLN D 229 -14.68 -12.84 -30.09
N ASP D 230 -13.55 -12.17 -30.32
CA ASP D 230 -13.28 -10.84 -29.78
C ASP D 230 -14.50 -9.93 -29.90
N ALA D 231 -15.01 -9.47 -28.75
CA ALA D 231 -16.22 -8.66 -28.68
C ALA D 231 -15.92 -7.17 -28.64
N LEU D 232 -14.65 -6.79 -28.80
CA LEU D 232 -14.25 -5.39 -28.80
C LEU D 232 -13.62 -4.96 -30.12
N VAL D 233 -12.69 -5.75 -30.61
CA VAL D 233 -12.01 -5.52 -31.89
C VAL D 233 -12.47 -6.62 -32.84
N LYS D 234 -12.98 -6.25 -34.02
CA LYS D 234 -13.49 -7.24 -34.97
C LYS D 234 -12.30 -7.99 -35.60
N ALA D 235 -12.18 -9.29 -35.33
CA ALA D 235 -10.96 -10.01 -35.65
C ALA D 235 -10.73 -10.10 -37.15
N LYS D 236 -11.66 -10.68 -37.90
CA LYS D 236 -11.36 -10.88 -39.33
C LYS D 236 -11.25 -9.56 -40.09
N PRO D 237 -12.10 -8.56 -39.79
CA PRO D 237 -11.91 -7.27 -40.49
C PRO D 237 -10.56 -6.62 -40.15
N SER D 238 -10.09 -6.76 -38.91
CA SER D 238 -8.81 -6.16 -38.56
C SER D 238 -7.66 -6.86 -39.28
N ILE D 239 -7.69 -8.19 -39.28
CA ILE D 239 -6.64 -8.97 -39.96
C ILE D 239 -6.66 -8.62 -41.45
N ALA D 240 -7.84 -8.52 -42.06
CA ALA D 240 -7.92 -8.23 -43.50
C ALA D 240 -7.38 -6.82 -43.77
N ARG D 241 -7.72 -5.86 -42.92
CA ARG D 241 -7.23 -4.50 -43.13
C ARG D 241 -5.71 -4.46 -43.04
N ALA D 242 -5.15 -5.10 -42.02
CA ALA D 242 -3.69 -5.14 -41.87
C ALA D 242 -3.04 -5.81 -43.07
N LYS D 243 -3.59 -6.93 -43.55
CA LYS D 243 -2.98 -7.61 -44.71
C LYS D 243 -3.14 -6.80 -45.99
N SER D 244 -4.17 -5.98 -46.12
CA SER D 244 -4.28 -5.07 -47.26
CA SER D 244 -4.28 -5.07 -47.26
C SER D 244 -3.15 -4.03 -47.21
N LEU D 245 -2.82 -3.56 -46.02
CA LEU D 245 -1.73 -2.61 -45.86
C LEU D 245 -0.35 -3.23 -46.01
N ASN D 246 -0.20 -4.49 -45.63
CA ASN D 246 1.03 -5.23 -45.84
C ASN D 246 0.73 -6.73 -45.97
N PRO D 247 0.67 -7.24 -47.21
CA PRO D 247 0.28 -8.64 -47.44
C PRO D 247 1.27 -9.66 -46.87
N ARG D 248 2.42 -9.20 -46.41
CA ARG D 248 3.44 -10.10 -45.83
C ARG D 248 3.12 -10.47 -44.38
N ILE D 249 2.17 -9.75 -43.77
CA ILE D 249 1.74 -10.04 -42.40
C ILE D 249 1.17 -11.45 -42.32
N ARG D 250 1.55 -12.19 -41.27
CA ARG D 250 0.91 -13.48 -40.96
C ARG D 250 -0.13 -13.28 -39.87
N SER D 251 -1.11 -14.19 -39.85
CA SER D 251 -2.16 -14.13 -38.87
C SER D 251 -2.52 -15.50 -38.35
N GLU D 252 -3.10 -15.48 -37.16
CA GLU D 252 -3.57 -16.68 -36.50
C GLU D 252 -4.85 -16.33 -35.76
N LEU D 253 -5.78 -17.27 -35.74
CA LEU D 253 -7.06 -17.14 -35.00
C LEU D 253 -7.18 -18.20 -33.92
N TYR D 254 -7.60 -17.79 -32.72
CA TYR D 254 -8.04 -18.77 -31.71
C TYR D 254 -9.56 -18.84 -31.73
N ALA D 255 -10.10 -19.95 -32.24
CA ALA D 255 -11.53 -20.07 -32.48
C ALA D 255 -12.38 -19.79 -31.26
N ASP D 256 -11.88 -20.20 -30.09
CA ASP D 256 -12.70 -20.19 -28.88
C ASP D 256 -12.27 -19.13 -27.86
N SER D 257 -11.43 -18.19 -28.29
CA SER D 257 -11.06 -17.07 -27.44
C SER D 257 -11.70 -15.77 -27.87
N GLY D 258 -11.89 -14.88 -26.89
CA GLY D 258 -12.29 -13.51 -27.17
C GLY D 258 -11.08 -12.57 -27.25
N HIS D 259 -11.21 -11.38 -26.69
CA HIS D 259 -10.24 -10.30 -26.86
C HIS D 259 -8.91 -10.52 -26.15
N ALA D 260 -8.81 -11.48 -25.25
CA ALA D 260 -7.62 -11.66 -24.43
C ALA D 260 -7.13 -13.11 -24.48
N PRO D 261 -6.68 -13.56 -25.66
CA PRO D 261 -6.27 -14.96 -25.81
C PRO D 261 -5.05 -15.32 -24.96
N PHE D 262 -4.21 -14.34 -24.61
CA PHE D 262 -3.04 -14.59 -23.76
C PHE D 262 -3.47 -14.96 -22.34
N LEU D 263 -4.70 -14.59 -21.95
CA LEU D 263 -5.28 -15.03 -20.68
C LEU D 263 -6.25 -16.19 -20.82
N GLU D 264 -6.95 -16.26 -21.96
CA GLU D 264 -7.95 -17.30 -22.13
C GLU D 264 -7.35 -18.65 -22.53
N GLU D 265 -6.26 -18.61 -23.32
CA GLU D 265 -5.56 -19.82 -23.79
C GLU D 265 -4.06 -19.59 -23.59
N PRO D 266 -3.62 -19.49 -22.33
CA PRO D 266 -2.24 -19.01 -22.07
C PRO D 266 -1.16 -20.00 -22.53
N GLU D 267 -1.42 -21.30 -22.38
CA GLU D 267 -0.42 -22.27 -22.81
C GLU D 267 -0.20 -22.20 -24.30
N ARG D 268 -1.29 -22.16 -25.05
CA ARG D 268 -1.23 -22.04 -26.49
C ARG D 268 -0.57 -20.72 -26.91
N PHE D 269 -0.96 -19.64 -26.26
CA PHE D 269 -0.39 -18.35 -26.58
C PHE D 269 1.11 -18.34 -26.32
N ASN D 270 1.51 -18.87 -25.18
CA ASN D 270 2.92 -18.87 -24.83
C ASN D 270 3.76 -19.69 -25.81
N ARG D 271 3.22 -20.81 -26.28
CA ARG D 271 3.88 -21.62 -27.29
C ARG D 271 4.00 -20.83 -28.60
N ASP D 272 2.90 -20.19 -29.02
CA ASP D 272 2.92 -19.43 -30.27
C ASP D 272 3.89 -18.26 -30.18
N LEU D 273 3.94 -17.59 -29.03
CA LEU D 273 4.86 -16.46 -28.86
C LEU D 273 6.32 -16.96 -28.88
N SER D 274 6.61 -18.03 -28.15
CA SER D 274 7.94 -18.62 -28.15
C SER D 274 8.37 -18.99 -29.58
N ASP D 275 7.49 -19.65 -30.31
CA ASP D 275 7.80 -20.00 -31.69
C ASP D 275 8.10 -18.76 -32.52
N PHE D 276 7.30 -17.72 -32.34
CA PHE D 276 7.49 -16.53 -33.12
C PHE D 276 8.84 -15.86 -32.81
N VAL D 277 9.17 -15.78 -31.54
CA VAL D 277 10.43 -15.14 -31.15
C VAL D 277 11.61 -15.92 -31.69
N ARG D 278 11.57 -17.25 -31.63
CA ARG D 278 12.67 -18.06 -32.11
C ARG D 278 12.83 -17.85 -33.61
N MET D 279 11.71 -17.78 -34.32
CA MET D 279 11.75 -17.54 -35.76
C MET D 279 12.32 -16.14 -36.08
N ALA D 280 11.86 -15.12 -35.35
CA ALA D 280 12.31 -13.77 -35.61
C ALA D 280 13.81 -13.62 -35.37
N LEU D 281 14.31 -14.24 -34.32
CA LEU D 281 15.73 -14.15 -33.99
C LEU D 281 16.61 -15.01 -34.86
N SER D 282 16.03 -15.88 -35.67
CA SER D 282 16.81 -16.75 -36.56
CA SER D 282 16.85 -16.72 -36.55
C SER D 282 16.95 -16.14 -37.96
N ARG D 283 16.23 -15.04 -38.21
CA ARG D 283 16.28 -14.39 -39.52
C ARG D 283 17.59 -13.66 -39.75
#